data_6Y72
#
_entry.id   6Y72
#
_cell.length_a   68.741
_cell.length_b   76.453
_cell.length_c   108.761
_cell.angle_alpha   90.000
_cell.angle_beta   93.320
_cell.angle_gamma   90.000
#
_symmetry.space_group_name_H-M   'P 1 21 1'
#
loop_
_entity.id
_entity.type
_entity.pdbx_description
1 polymer 'Nitrous-oxide reductase'
2 non-polymer 2-[3-(2-HYDROXY-1,1-DIHYDROXYMETHYL-ETHYLAMINO)-PROPYLAMINO]-2-HYDROXYMETHYL-PROPANE-1,3-DIOL
3 non-polymer 'SODIUM ION'
4 non-polymer 'CALCIUM ION'
5 non-polymer 'FORMIC ACID'
6 non-polymer 'CHLORIDE ION'
7 non-polymer 'DINUCLEAR COPPER ION'
8 non-polymer 'POTASSIUM ION'
9 water water
#
_entity_poly.entity_id   1
_entity_poly.type   'polypeptide(L)'
_entity_poly.pdbx_seq_one_letter_code
;MSDKDSKNTPQVPEKLGLSRRGFLGASAVTGAAVAATALGGAVMTRESWAQAVKESKQKIHVGPGELDDYYGFWSGGHQG
EVRVLGVPSMRELMRIPVFNVDSATGWGLTNESRHIMGDSAKFLNGDCHHPHISMTDGKYDGKYLFINDKANSRVARIRL
DIMKCDKMITVPNVQAIAGLRLQKVPHTKYVFANAEFIIPHPNDGKVFDLQDENSYTMYNAIDAETMEMAFQVIVDGNLD
NTDADYTGRFAAATCYNSEKAFDLGGMMRNERDWVVVFDIHAVEAAVKAGDFITLGDSKTPVLDGRKKDGKDSKFTRYVP
VPKNPHGCNTSSDGKYFIAAGKLSPTCSMIAIDKLPDLFAGKLADPRDVIVGEPELGLGPLHTTFDGRGNAYTTLFIDSQ
VVKWNMEEAVRAYKGEKVNYIKQKLDVHYQPGHLHASLCETNEADGKWLVALSKFSKDRFLPVGPLHPENDQLIDISGDE
MKLVHDGPTFAEPHDCIMARRDQIKTKKIWDRNDPFFAPTVEMAKKDGINLDTDNKVIRDGNKVRVYMTSMAPAFGVQEF
TVKQGDEVTVTITNIDQIEDVSHGFVVVNHGVSMEISPQQTSSITFVADKPGLHWYYCSWFCHALHMEMVGRMMVEPAWS
HPQFEK
;
_entity_poly.pdbx_strand_id   A,B
#
loop_
_chem_comp.id
_chem_comp.type
_chem_comp.name
_chem_comp.formula
B3P non-polymer 2-[3-(2-HYDROXY-1,1-DIHYDROXYMETHYL-ETHYLAMINO)-PROPYLAMINO]-2-HYDROXYMETHYL-PROPANE-1,3-DIOL 'C11 H26 N2 O6'
CA non-polymer 'CALCIUM ION' 'Ca 2'
CL non-polymer 'CHLORIDE ION' 'Cl -1'
CUA non-polymer 'DINUCLEAR COPPER ION' Cu2
FMT non-polymer 'FORMIC ACID' 'C H2 O2'
K non-polymer 'POTASSIUM ION' 'K 1'
NA non-polymer 'SODIUM ION' 'Na 1'
#
# COMPACT_ATOMS: atom_id res chain seq x y z
N LYS A 54 2.73 37.46 14.71
CA LYS A 54 4.18 37.30 14.57
C LYS A 54 4.67 35.99 15.20
N GLU A 55 3.85 35.38 16.05
CA GLU A 55 4.20 34.13 16.72
C GLU A 55 3.58 32.94 15.98
N SER A 56 4.37 31.89 15.78
CA SER A 56 3.87 30.65 15.18
C SER A 56 3.26 29.78 16.26
N LYS A 57 1.92 29.72 16.31
CA LYS A 57 1.21 29.13 17.44
C LYS A 57 0.04 28.23 17.04
N GLN A 58 -0.03 27.79 15.78
CA GLN A 58 -1.17 27.00 15.34
C GLN A 58 -1.26 25.69 16.10
N LYS A 59 -2.50 25.23 16.29
CA LYS A 59 -2.75 23.98 16.99
C LYS A 59 -2.56 22.79 16.06
N ILE A 60 -2.01 21.71 16.62
CA ILE A 60 -1.66 20.52 15.88
C ILE A 60 -2.62 19.36 16.14
N HIS A 61 -3.24 19.32 17.32
CA HIS A 61 -4.06 18.19 17.75
C HIS A 61 -5.42 18.25 17.08
N VAL A 62 -5.82 17.16 16.41
CA VAL A 62 -7.18 16.99 15.92
C VAL A 62 -7.78 15.84 16.73
N GLY A 63 -8.61 16.18 17.71
CA GLY A 63 -9.16 15.20 18.63
C GLY A 63 -10.31 14.43 18.01
N PRO A 64 -10.70 13.35 18.68
CA PRO A 64 -11.82 12.53 18.21
C PRO A 64 -13.04 13.40 17.95
N GLY A 65 -13.63 13.22 16.78
CA GLY A 65 -14.78 14.01 16.38
C GLY A 65 -14.47 15.34 15.74
N GLU A 66 -13.25 15.86 15.92
CA GLU A 66 -12.83 17.04 15.18
C GLU A 66 -12.33 16.62 13.79
N LEU A 67 -12.32 17.58 12.85
CA LEU A 67 -11.88 17.33 11.48
C LEU A 67 -10.63 18.15 11.15
N ASP A 68 -9.81 17.59 10.27
CA ASP A 68 -8.66 18.31 9.73
C ASP A 68 -9.10 19.53 8.94
N ASP A 69 -8.16 20.47 8.76
CA ASP A 69 -8.38 21.74 8.07
C ASP A 69 -8.00 21.69 6.60
N TYR A 70 -7.04 20.85 6.24
CA TYR A 70 -6.57 20.71 4.87
C TYR A 70 -6.58 19.25 4.48
N TYR A 71 -6.75 19.02 3.17
CA TYR A 71 -6.38 17.76 2.54
C TYR A 71 -4.92 17.82 2.17
N GLY A 72 -4.21 16.73 2.42
CA GLY A 72 -2.87 16.52 1.88
C GLY A 72 -2.95 15.42 0.85
N PHE A 73 -2.28 15.62 -0.29
CA PHE A 73 -2.14 14.57 -1.30
C PHE A 73 -0.66 14.24 -1.42
N TRP A 74 -0.31 13.04 -0.96
CA TRP A 74 1.06 12.55 -0.92
C TRP A 74 1.31 11.64 -2.10
N SER A 75 2.45 11.82 -2.75
CA SER A 75 2.90 10.80 -3.69
CA SER A 75 2.87 10.80 -3.70
C SER A 75 3.22 9.51 -2.94
N GLY A 76 3.01 8.38 -3.61
CA GLY A 76 3.34 7.12 -2.98
C GLY A 76 4.76 6.68 -3.22
N GLY A 77 5.56 7.50 -3.90
CA GLY A 77 6.93 7.10 -4.21
C GLY A 77 7.00 5.83 -5.03
N HIS A 78 7.97 4.98 -4.68
CA HIS A 78 8.26 3.74 -5.38
C HIS A 78 7.14 2.72 -5.19
N GLN A 79 6.19 3.00 -4.31
CA GLN A 79 5.09 2.11 -4.07
C GLN A 79 3.95 2.31 -5.06
N GLY A 80 3.86 3.48 -5.70
CA GLY A 80 3.04 3.64 -6.88
C GLY A 80 1.65 4.23 -6.68
N GLU A 81 1.20 4.43 -5.45
CA GLU A 81 -0.16 4.93 -5.21
C GLU A 81 -0.13 6.43 -4.91
N VAL A 82 -1.32 7.01 -4.70
CA VAL A 82 -1.45 8.35 -4.15
C VAL A 82 -2.15 8.20 -2.82
N ARG A 83 -1.75 9.00 -1.83
CA ARG A 83 -2.32 8.89 -0.50
C ARG A 83 -2.94 10.21 -0.09
N VAL A 84 -4.13 10.15 0.48
CA VAL A 84 -4.84 11.33 0.96
C VAL A 84 -4.67 11.39 2.47
N LEU A 85 -4.14 12.52 2.95
CA LEU A 85 -3.91 12.76 4.36
C LEU A 85 -4.77 13.93 4.85
N GLY A 86 -5.08 13.89 6.14
CA GLY A 86 -5.63 15.05 6.84
C GLY A 86 -4.49 15.86 7.43
N VAL A 87 -4.58 17.16 7.28
CA VAL A 87 -3.60 18.10 7.83
C VAL A 87 -4.34 19.05 8.76
N PRO A 88 -3.82 19.33 9.98
CA PRO A 88 -2.47 19.00 10.48
C PRO A 88 -2.31 17.68 11.26
N SER A 89 -3.32 16.80 11.29
CA SER A 89 -3.15 15.55 12.02
C SER A 89 -2.13 14.63 11.36
N MET A 90 -1.94 14.77 10.05
CA MET A 90 -1.04 13.96 9.23
C MET A 90 -1.44 12.48 9.19
N ARG A 91 -2.71 12.18 9.47
CA ARG A 91 -3.22 10.82 9.39
C ARG A 91 -3.62 10.50 7.95
N GLU A 92 -3.39 9.26 7.54
CA GLU A 92 -3.73 8.84 6.19
C GLU A 92 -5.20 8.47 6.13
N LEU A 93 -5.98 9.20 5.33
CA LEU A 93 -7.42 9.01 5.21
C LEU A 93 -7.80 7.98 4.15
N MET A 94 -7.02 7.87 3.07
CA MET A 94 -7.37 7.04 1.93
C MET A 94 -6.12 6.75 1.12
N ARG A 95 -6.10 5.59 0.46
CA ARG A 95 -5.08 5.28 -0.53
C ARG A 95 -5.79 5.13 -1.87
N ILE A 96 -5.24 5.79 -2.88
CA ILE A 96 -5.77 5.79 -4.25
C ILE A 96 -4.80 4.99 -5.10
N PRO A 97 -5.13 3.77 -5.51
CA PRO A 97 -4.22 3.03 -6.39
C PRO A 97 -4.09 3.72 -7.74
N VAL A 98 -2.87 3.69 -8.29
CA VAL A 98 -2.59 4.30 -9.58
C VAL A 98 -1.74 3.36 -10.41
N PHE A 99 -0.46 3.23 -10.04
CA PHE A 99 0.46 2.35 -10.75
C PHE A 99 0.69 1.02 -10.02
N ASN A 100 0.26 0.93 -8.77
CA ASN A 100 0.32 -0.31 -8.01
C ASN A 100 -0.91 -1.17 -8.33
N VAL A 101 -0.81 -2.47 -8.04
CA VAL A 101 -1.98 -3.37 -8.03
C VAL A 101 -2.51 -3.48 -6.61
N ASP A 102 -3.75 -3.05 -6.40
CA ASP A 102 -4.33 -2.97 -5.06
C ASP A 102 -5.27 -4.17 -4.86
N SER A 103 -4.85 -5.08 -3.98
CA SER A 103 -5.66 -6.25 -3.65
C SER A 103 -7.03 -5.86 -3.09
N ALA A 104 -7.14 -4.75 -2.37
CA ALA A 104 -8.37 -4.43 -1.65
C ALA A 104 -9.49 -4.02 -2.61
N THR A 105 -9.26 -2.97 -3.40
CA THR A 105 -10.26 -2.49 -4.35
C THR A 105 -10.21 -3.26 -5.68
N GLY A 106 -9.16 -4.04 -5.93
CA GLY A 106 -8.99 -4.69 -7.21
C GLY A 106 -8.42 -3.82 -8.32
N TRP A 107 -7.92 -2.61 -8.03
CA TRP A 107 -7.25 -1.82 -9.05
C TRP A 107 -6.09 -2.63 -9.65
N GLY A 108 -6.10 -2.82 -10.97
CA GLY A 108 -5.15 -3.67 -11.66
C GLY A 108 -5.65 -5.06 -11.97
N LEU A 109 -6.72 -5.50 -11.30
CA LEU A 109 -7.41 -6.75 -11.55
C LEU A 109 -8.75 -6.56 -12.25
N THR A 110 -9.50 -5.50 -11.92
CA THR A 110 -10.83 -5.28 -12.48
C THR A 110 -10.74 -4.92 -13.95
N ASN A 111 -11.85 -5.12 -14.65
CA ASN A 111 -11.88 -4.70 -16.05
C ASN A 111 -11.86 -3.19 -16.17
N GLU A 112 -12.52 -2.49 -15.25
CA GLU A 112 -12.56 -1.03 -15.34
C GLU A 112 -11.16 -0.44 -15.16
N SER A 113 -10.40 -0.96 -14.20
CA SER A 113 -9.06 -0.41 -13.96
C SER A 113 -8.11 -0.77 -15.10
N ARG A 114 -8.15 -2.02 -15.56
CA ARG A 114 -7.23 -2.42 -16.64
C ARG A 114 -7.57 -1.69 -17.93
N HIS A 115 -8.85 -1.35 -18.16
CA HIS A 115 -9.22 -0.52 -19.30
C HIS A 115 -8.55 0.84 -19.22
N ILE A 116 -8.58 1.47 -18.05
CA ILE A 116 -7.96 2.79 -17.91
C ILE A 116 -6.45 2.68 -18.10
N MET A 117 -5.83 1.64 -17.54
CA MET A 117 -4.39 1.44 -17.67
C MET A 117 -3.97 1.04 -19.08
N GLY A 118 -4.86 0.50 -19.90
CA GLY A 118 -4.45 0.13 -21.24
C GLY A 118 -3.41 -0.97 -21.21
N ASP A 119 -2.53 -0.95 -22.21
CA ASP A 119 -1.47 -1.97 -22.30
C ASP A 119 -0.59 -1.97 -21.05
N SER A 120 -0.40 -0.80 -20.41
CA SER A 120 0.45 -0.73 -19.22
C SER A 120 -0.13 -1.47 -18.02
N ALA A 121 -1.35 -2.02 -18.14
CA ALA A 121 -1.87 -2.91 -17.11
C ALA A 121 -0.98 -4.13 -16.87
N LYS A 122 -0.09 -4.47 -17.81
CA LYS A 122 0.84 -5.58 -17.61
C LYS A 122 1.90 -5.28 -16.55
N PHE A 123 2.11 -4.01 -16.21
CA PHE A 123 3.10 -3.63 -15.20
C PHE A 123 2.46 -3.60 -13.82
N LEU A 124 3.20 -4.10 -12.82
CA LEU A 124 2.72 -4.11 -11.45
C LEU A 124 3.41 -3.04 -10.59
N ASN A 125 4.20 -2.14 -11.19
CA ASN A 125 4.95 -1.16 -10.42
C ASN A 125 4.82 0.24 -11.02
N GLY A 126 5.15 1.23 -10.18
CA GLY A 126 5.23 2.61 -10.62
C GLY A 126 6.21 3.31 -9.70
N ASP A 127 6.55 4.54 -10.04
CA ASP A 127 7.44 5.33 -9.18
C ASP A 127 7.02 6.78 -9.33
N CYS A 128 6.22 7.28 -8.40
CA CYS A 128 5.68 8.62 -8.57
C CYS A 128 6.28 9.59 -7.59
N HIS A 129 6.23 10.87 -7.96
CA HIS A 129 7.01 11.90 -7.29
C HIS A 129 6.24 13.19 -7.12
N HIS A 130 5.41 13.55 -8.10
CA HIS A 130 4.93 14.93 -8.25
C HIS A 130 3.41 15.00 -8.40
N PRO A 131 2.68 15.05 -7.28
CA PRO A 131 1.22 15.18 -7.37
C PRO A 131 0.82 16.64 -7.40
N HIS A 132 -0.06 17.02 -8.32
CA HIS A 132 -0.48 18.41 -8.47
C HIS A 132 -1.94 18.49 -8.86
N ILE A 133 -2.60 19.55 -8.37
CA ILE A 133 -4.04 19.74 -8.53
C ILE A 133 -4.32 20.81 -9.57
N SER A 134 -5.31 20.55 -10.42
CA SER A 134 -5.63 21.45 -11.50
C SER A 134 -6.08 22.82 -10.98
N MET A 135 -5.84 23.84 -11.81
CA MET A 135 -6.03 25.23 -11.43
C MET A 135 -6.88 25.98 -12.43
N THR A 136 -7.55 27.02 -11.93
CA THR A 136 -8.27 27.99 -12.74
C THR A 136 -7.91 29.36 -12.20
N ASP A 137 -7.40 30.22 -13.08
CA ASP A 137 -7.02 31.57 -12.70
CA ASP A 137 -7.00 31.57 -12.72
C ASP A 137 -6.00 31.57 -11.55
N GLY A 138 -5.02 30.67 -11.65
CA GLY A 138 -3.97 30.63 -10.64
C GLY A 138 -4.37 30.11 -9.27
N LYS A 139 -5.52 29.45 -9.14
CA LYS A 139 -6.00 28.91 -7.87
C LYS A 139 -6.48 27.49 -8.11
N TYR A 140 -6.38 26.62 -7.09
CA TYR A 140 -6.89 25.25 -7.25
C TYR A 140 -8.39 25.28 -7.54
N ASP A 141 -8.82 24.42 -8.47
CA ASP A 141 -10.26 24.28 -8.72
C ASP A 141 -10.80 22.93 -8.27
N GLY A 142 -9.96 22.06 -7.71
CA GLY A 142 -10.42 20.81 -7.12
C GLY A 142 -10.93 19.77 -8.10
N LYS A 143 -10.69 19.93 -9.39
CA LYS A 143 -11.23 18.97 -10.34
C LYS A 143 -10.34 17.72 -10.44
N TYR A 144 -9.04 17.90 -10.71
CA TYR A 144 -8.16 16.78 -11.03
C TYR A 144 -6.86 16.87 -10.25
N LEU A 145 -6.27 15.70 -9.99
CA LEU A 145 -4.89 15.55 -9.54
C LEU A 145 -4.14 14.76 -10.59
N PHE A 146 -2.94 15.24 -10.97
CA PHE A 146 -2.08 14.55 -11.92
C PHE A 146 -0.82 14.10 -11.21
N ILE A 147 -0.21 13.02 -11.73
CA ILE A 147 1.02 12.51 -11.13
C ILE A 147 1.78 11.73 -12.19
N ASN A 148 3.09 11.66 -12.01
CA ASN A 148 4.06 11.04 -12.90
C ASN A 148 4.35 9.61 -12.49
N ASP A 149 4.88 8.84 -13.44
CA ASP A 149 5.45 7.52 -13.19
C ASP A 149 6.81 7.52 -13.86
N LYS A 150 7.87 7.65 -13.06
CA LYS A 150 9.22 7.54 -13.60
C LYS A 150 9.53 6.14 -14.10
N ALA A 151 8.92 5.09 -13.50
CA ALA A 151 9.38 3.72 -13.78
C ALA A 151 8.91 3.23 -15.15
N ASN A 152 7.65 3.48 -15.51
CA ASN A 152 7.15 3.03 -16.81
C ASN A 152 6.62 4.17 -17.66
N SER A 153 7.10 5.40 -17.42
CA SER A 153 6.97 6.54 -18.33
C SER A 153 5.50 6.91 -18.57
N ARG A 154 4.77 7.14 -17.49
CA ARG A 154 3.33 7.42 -17.56
C ARG A 154 2.97 8.70 -16.84
N VAL A 155 1.81 9.24 -17.21
CA VAL A 155 1.11 10.27 -16.45
C VAL A 155 -0.28 9.75 -16.14
N ALA A 156 -0.71 9.91 -14.90
CA ALA A 156 -2.05 9.51 -14.49
C ALA A 156 -2.86 10.71 -14.04
N ARG A 157 -4.16 10.61 -14.24
CA ARG A 157 -5.11 11.60 -13.77
C ARG A 157 -6.04 10.98 -12.73
N ILE A 158 -6.22 11.68 -11.61
CA ILE A 158 -7.14 11.29 -10.55
CA ILE A 158 -7.16 11.29 -10.56
C ILE A 158 -8.30 12.30 -10.51
N ARG A 159 -9.53 11.80 -10.51
CA ARG A 159 -10.72 12.64 -10.34
C ARG A 159 -10.98 12.82 -8.85
N LEU A 160 -10.91 14.07 -8.39
CA LEU A 160 -11.00 14.31 -6.96
C LEU A 160 -12.42 14.17 -6.41
N ASP A 161 -13.46 14.14 -7.26
CA ASP A 161 -14.79 13.93 -6.71
C ASP A 161 -15.02 12.47 -6.29
N ILE A 162 -14.39 11.50 -6.97
CA ILE A 162 -14.48 10.10 -6.58
C ILE A 162 -13.19 9.55 -5.98
N MET A 163 -12.11 10.30 -5.99
CA MET A 163 -10.81 9.84 -5.47
C MET A 163 -10.37 8.50 -6.11
N LYS A 164 -10.42 8.46 -7.45
CA LYS A 164 -9.93 7.32 -8.21
C LYS A 164 -9.14 7.84 -9.41
N CYS A 165 -8.14 7.07 -9.82
CA CYS A 165 -7.51 7.32 -11.10
C CYS A 165 -8.52 7.04 -12.22
N ASP A 166 -8.77 8.02 -13.10
CA ASP A 166 -9.73 7.83 -14.17
C ASP A 166 -9.13 7.84 -15.58
N LYS A 167 -7.86 8.26 -15.74
CA LYS A 167 -7.18 8.30 -17.03
C LYS A 167 -5.70 8.03 -16.80
N MET A 168 -5.06 7.43 -17.80
CA MET A 168 -3.63 7.11 -17.72
C MET A 168 -3.07 7.10 -19.13
N ILE A 169 -1.86 7.62 -19.30
CA ILE A 169 -1.23 7.67 -20.61
C ILE A 169 0.23 7.30 -20.47
N THR A 170 0.71 6.46 -21.40
CA THR A 170 2.14 6.20 -21.55
C THR A 170 2.68 7.22 -22.55
N VAL A 171 3.61 8.06 -22.10
CA VAL A 171 4.14 9.11 -22.98
C VAL A 171 4.98 8.48 -24.07
N PRO A 172 4.72 8.74 -25.35
CA PRO A 172 5.43 8.04 -26.43
C PRO A 172 6.85 8.54 -26.65
N ASN A 173 7.72 7.62 -27.06
CA ASN A 173 9.07 7.96 -27.52
C ASN A 173 9.93 8.64 -26.47
N VAL A 174 9.71 8.32 -25.18
CA VAL A 174 10.52 8.87 -24.08
C VAL A 174 10.82 7.77 -23.08
N GLN A 175 11.80 8.01 -22.19
CA GLN A 175 11.97 7.15 -21.02
C GLN A 175 12.01 7.99 -19.75
N ALA A 176 11.15 7.63 -18.79
CA ALA A 176 11.17 8.09 -17.40
C ALA A 176 10.54 9.46 -17.26
N ILE A 177 9.27 9.52 -16.87
CA ILE A 177 8.61 10.80 -16.60
C ILE A 177 8.96 11.19 -15.17
N ALA A 178 9.77 12.24 -15.03
CA ALA A 178 10.15 12.81 -13.75
C ALA A 178 9.31 14.04 -13.40
N GLY A 179 9.87 15.23 -13.58
CA GLY A 179 9.18 16.44 -13.17
C GLY A 179 7.83 16.58 -13.86
N LEU A 180 6.86 17.09 -13.11
CA LEU A 180 5.51 17.26 -13.62
C LEU A 180 4.90 18.46 -12.91
N ARG A 181 4.31 19.37 -13.68
CA ARG A 181 3.57 20.47 -13.08
C ARG A 181 2.53 20.96 -14.07
N LEU A 182 1.58 21.73 -13.56
CA LEU A 182 0.39 22.09 -14.32
C LEU A 182 0.43 23.55 -14.75
N GLN A 183 -0.07 23.82 -15.95
CA GLN A 183 -0.36 25.19 -16.33
C GLN A 183 -1.29 25.83 -15.30
N LYS A 184 -0.97 27.07 -14.92
CA LYS A 184 -1.70 27.79 -13.88
C LYS A 184 -2.76 28.74 -14.43
N VAL A 185 -2.48 29.38 -15.56
CA VAL A 185 -3.29 30.48 -16.07
C VAL A 185 -3.40 30.33 -17.59
N PRO A 186 -4.58 30.56 -18.18
CA PRO A 186 -5.84 30.90 -17.48
C PRO A 186 -6.44 29.74 -16.69
N HIS A 187 -5.98 28.52 -16.98
CA HIS A 187 -6.38 27.31 -16.26
C HIS A 187 -5.43 26.21 -16.71
N THR A 188 -5.61 25.02 -16.13
CA THR A 188 -4.76 23.88 -16.48
C THR A 188 -5.25 23.30 -17.80
N LYS A 189 -4.84 23.95 -18.90
CA LYS A 189 -5.03 23.33 -20.22
C LYS A 189 -4.03 22.21 -20.44
N TYR A 190 -2.77 22.42 -20.06
CA TYR A 190 -1.71 21.42 -20.25
C TYR A 190 -1.19 20.89 -18.93
N VAL A 191 -0.86 19.60 -18.92
CA VAL A 191 0.04 18.99 -17.94
C VAL A 191 1.41 18.98 -18.57
N PHE A 192 2.41 19.59 -17.91
CA PHE A 192 3.77 19.56 -18.43
C PHE A 192 4.56 18.47 -17.72
N ALA A 193 5.29 17.67 -18.50
CA ALA A 193 6.02 16.53 -17.96
C ALA A 193 7.40 16.40 -18.58
N ASN A 194 8.39 16.19 -17.72
CA ASN A 194 9.78 15.98 -18.13
C ASN A 194 10.02 14.51 -18.38
N ALA A 195 10.68 14.18 -19.50
CA ALA A 195 11.30 12.87 -19.67
C ALA A 195 12.78 13.02 -19.30
N GLU A 196 13.23 12.24 -18.31
CA GLU A 196 14.54 12.51 -17.71
C GLU A 196 15.70 12.02 -18.57
N PHE A 197 15.58 10.87 -19.24
CA PHE A 197 16.74 10.18 -19.81
C PHE A 197 16.83 10.36 -21.32
N ILE A 198 18.03 10.72 -21.79
CA ILE A 198 18.30 10.85 -23.22
C ILE A 198 18.30 9.46 -23.86
N ILE A 199 17.60 9.31 -24.98
CA ILE A 199 17.57 8.02 -25.69
C ILE A 199 17.72 8.24 -27.18
N PRO A 200 18.11 7.19 -27.92
CA PRO A 200 18.21 7.28 -29.38
C PRO A 200 16.84 7.32 -30.05
N HIS A 201 16.77 8.03 -31.18
CA HIS A 201 15.56 8.12 -31.98
C HIS A 201 15.88 7.82 -33.44
N PRO A 202 15.43 6.68 -33.97
CA PRO A 202 14.66 5.67 -33.25
C PRO A 202 15.53 4.87 -32.28
N ASN A 203 14.89 4.27 -31.29
CA ASN A 203 15.59 3.42 -30.32
C ASN A 203 15.47 1.96 -30.75
N ASP A 204 16.03 1.67 -31.93
CA ASP A 204 15.83 0.38 -32.57
C ASP A 204 17.03 -0.54 -32.40
N GLY A 205 18.01 -0.13 -31.61
CA GLY A 205 19.17 -0.96 -31.36
C GLY A 205 20.29 -0.83 -32.37
N LYS A 206 20.20 0.14 -33.31
CA LYS A 206 21.31 0.39 -34.22
C LYS A 206 22.29 1.39 -33.62
N VAL A 207 21.79 2.38 -32.90
CA VAL A 207 22.61 3.42 -32.28
C VAL A 207 22.36 3.41 -30.79
N PHE A 208 23.44 3.42 -30.00
CA PHE A 208 23.33 3.53 -28.55
C PHE A 208 23.97 4.80 -27.98
N ASP A 209 24.74 5.53 -28.79
CA ASP A 209 25.47 6.70 -28.32
C ASP A 209 24.52 7.82 -27.91
N LEU A 210 24.62 8.26 -26.65
CA LEU A 210 23.87 9.43 -26.17
C LEU A 210 24.29 10.73 -26.86
N GLN A 211 25.45 10.77 -27.49
CA GLN A 211 25.93 11.99 -28.15
C GLN A 211 25.59 12.01 -29.64
N ASP A 212 24.96 10.96 -30.16
CA ASP A 212 24.50 10.97 -31.53
C ASP A 212 23.47 12.08 -31.73
N GLU A 213 23.42 12.62 -32.95
CA GLU A 213 22.57 13.78 -33.16
C GLU A 213 21.08 13.44 -33.07
N ASN A 214 20.71 12.15 -33.12
CA ASN A 214 19.33 11.77 -32.93
C ASN A 214 19.07 11.16 -31.56
N SER A 215 20.00 11.34 -30.62
CA SER A 215 19.77 10.97 -29.23
C SER A 215 19.43 12.23 -28.45
N TYR A 216 18.31 12.20 -27.73
CA TYR A 216 17.83 13.37 -27.01
C TYR A 216 16.67 12.93 -26.14
N THR A 217 16.22 13.86 -25.29
CA THR A 217 14.95 13.69 -24.61
C THR A 217 14.04 14.88 -24.96
N MET A 218 12.83 14.86 -24.42
CA MET A 218 11.77 15.77 -24.86
C MET A 218 10.95 16.24 -23.68
N TYR A 219 10.51 17.49 -23.78
CA TYR A 219 9.50 18.07 -22.91
C TYR A 219 8.13 17.70 -23.44
N ASN A 220 7.23 17.33 -22.54
CA ASN A 220 5.93 16.77 -22.93
C ASN A 220 4.80 17.62 -22.39
N ALA A 221 3.80 17.85 -23.24
CA ALA A 221 2.59 18.56 -22.85
C ALA A 221 1.41 17.63 -23.15
N ILE A 222 0.63 17.34 -22.12
CA ILE A 222 -0.56 16.51 -22.22
C ILE A 222 -1.77 17.41 -22.04
N ASP A 223 -2.79 17.21 -22.89
CA ASP A 223 -4.07 17.88 -22.73
C ASP A 223 -4.73 17.37 -21.46
N ALA A 224 -4.88 18.26 -20.46
CA ALA A 224 -5.33 17.85 -19.14
C ALA A 224 -6.72 17.23 -19.20
N GLU A 225 -7.59 17.73 -20.08
CA GLU A 225 -8.97 17.29 -20.09
C GLU A 225 -9.17 16.00 -20.89
N THR A 226 -8.50 15.87 -22.04
CA THR A 226 -8.64 14.65 -22.82
C THR A 226 -7.61 13.59 -22.45
N MET A 227 -6.56 13.98 -21.73
CA MET A 227 -5.46 13.07 -21.40
C MET A 227 -4.90 12.40 -22.65
N GLU A 228 -4.82 13.16 -23.74
CA GLU A 228 -4.08 12.81 -24.93
C GLU A 228 -2.89 13.76 -25.06
N MET A 229 -1.81 13.28 -25.67
CA MET A 229 -0.65 14.13 -25.93
C MET A 229 -1.08 15.38 -26.70
N ALA A 230 -0.49 16.52 -26.32
CA ALA A 230 -0.68 17.77 -27.05
C ALA A 230 0.51 18.06 -27.95
N PHE A 231 1.72 18.01 -27.40
CA PHE A 231 2.91 18.22 -28.21
C PHE A 231 4.13 17.80 -27.40
N GLN A 232 5.26 17.68 -28.10
CA GLN A 232 6.54 17.39 -27.48
C GLN A 232 7.58 18.33 -28.06
N VAL A 233 8.55 18.71 -27.23
CA VAL A 233 9.59 19.65 -27.64
C VAL A 233 10.94 18.99 -27.36
N ILE A 234 11.71 18.76 -28.42
CA ILE A 234 13.06 18.22 -28.28
C ILE A 234 13.93 19.27 -27.62
N VAL A 235 14.78 18.83 -26.67
CA VAL A 235 15.66 19.75 -25.97
C VAL A 235 17.09 19.22 -26.01
N ASP A 236 18.03 20.13 -25.81
CA ASP A 236 19.38 19.76 -25.47
C ASP A 236 19.42 19.27 -24.02
N GLY A 237 20.44 18.49 -23.69
CA GLY A 237 20.61 18.07 -22.32
C GLY A 237 19.51 17.12 -21.86
N ASN A 238 19.16 17.23 -20.59
CA ASN A 238 18.06 16.41 -20.10
C ASN A 238 17.08 17.28 -19.31
N LEU A 239 16.18 16.65 -18.58
CA LEU A 239 15.14 17.38 -17.87
C LEU A 239 14.99 16.81 -16.48
N ASP A 240 14.83 17.69 -15.49
CA ASP A 240 14.69 17.23 -14.11
C ASP A 240 13.31 17.61 -13.59
N ASN A 241 13.18 18.83 -13.06
CA ASN A 241 11.93 19.38 -12.56
C ASN A 241 11.42 20.48 -13.47
N THR A 242 10.15 20.85 -13.32
CA THR A 242 9.55 21.86 -14.17
C THR A 242 8.49 22.63 -13.42
N ASP A 243 8.22 23.86 -13.87
CA ASP A 243 7.08 24.64 -13.37
C ASP A 243 6.61 25.60 -14.48
N ALA A 244 5.47 26.26 -14.22
CA ALA A 244 4.84 27.15 -15.17
C ALA A 244 4.62 28.51 -14.54
N ASP A 245 4.42 29.52 -15.39
CA ASP A 245 4.29 30.89 -14.92
C ASP A 245 2.82 31.17 -14.55
N TYR A 246 2.48 32.44 -14.30
CA TYR A 246 1.11 32.83 -14.05
C TYR A 246 0.48 33.58 -15.23
N THR A 247 0.90 33.28 -16.46
CA THR A 247 0.22 33.85 -17.62
C THR A 247 -0.18 32.82 -18.67
N GLY A 248 0.45 31.66 -18.69
CA GLY A 248 0.21 30.66 -19.72
C GLY A 248 1.22 30.68 -20.84
N ARG A 249 2.02 31.75 -20.95
CA ARG A 249 2.99 31.78 -22.04
C ARG A 249 4.22 30.93 -21.78
N PHE A 250 4.74 30.92 -20.55
CA PHE A 250 6.04 30.33 -20.27
C PHE A 250 5.99 29.16 -19.29
N ALA A 251 6.90 28.23 -19.52
CA ALA A 251 7.19 27.15 -18.59
C ALA A 251 8.71 27.00 -18.58
N ALA A 252 9.22 26.30 -17.59
CA ALA A 252 10.66 26.21 -17.45
C ALA A 252 11.00 24.87 -16.82
N ALA A 253 12.21 24.38 -17.08
CA ALA A 253 12.62 23.11 -16.52
C ALA A 253 14.11 23.16 -16.24
N THR A 254 14.51 22.46 -15.18
CA THR A 254 15.93 22.32 -14.91
C THR A 254 16.51 21.19 -15.73
N CYS A 255 17.79 21.33 -16.04
CA CYS A 255 18.57 20.31 -16.71
C CYS A 255 19.85 20.09 -15.91
N TYR A 256 20.17 18.83 -15.61
CA TYR A 256 21.42 18.53 -14.94
C TYR A 256 22.42 17.82 -15.83
N ASN A 257 22.01 17.38 -17.01
CA ASN A 257 22.92 16.64 -17.86
C ASN A 257 23.12 17.38 -19.18
N SER A 258 23.41 18.69 -19.09
CA SER A 258 23.76 19.43 -20.30
C SER A 258 24.93 18.78 -21.02
N GLU A 259 25.67 17.91 -20.33
CA GLU A 259 26.85 17.26 -20.90
C GLU A 259 26.48 16.08 -21.79
N LYS A 260 25.25 15.58 -21.68
CA LYS A 260 24.82 14.36 -22.38
C LYS A 260 25.76 13.19 -22.07
N ALA A 261 26.14 13.07 -20.81
CA ALA A 261 27.01 11.99 -20.35
C ALA A 261 26.20 10.91 -19.67
N PHE A 262 26.80 9.72 -19.57
CA PHE A 262 26.17 8.63 -18.81
C PHE A 262 26.82 8.36 -17.48
N ASP A 263 28.06 8.77 -17.29
CA ASP A 263 28.81 8.52 -16.06
C ASP A 263 28.69 9.69 -15.09
N LEU A 264 28.82 9.36 -13.79
CA LEU A 264 28.64 10.35 -12.73
C LEU A 264 29.52 11.58 -12.95
N GLY A 265 30.84 11.38 -13.12
CA GLY A 265 31.73 12.50 -13.32
C GLY A 265 31.38 13.32 -14.55
N GLY A 266 31.08 12.66 -15.67
CA GLY A 266 30.73 13.39 -16.88
C GLY A 266 29.50 14.28 -16.69
N MET A 267 28.54 13.81 -15.88
CA MET A 267 27.33 14.60 -15.65
C MET A 267 27.55 15.81 -14.75
N MET A 268 28.70 15.89 -14.07
CA MET A 268 29.02 17.03 -13.22
C MET A 268 30.16 17.88 -13.79
N ARG A 269 30.49 17.70 -15.07
CA ARG A 269 31.67 18.36 -15.63
C ARG A 269 31.43 19.84 -15.86
N ASN A 270 30.22 20.22 -16.29
CA ASN A 270 29.95 21.61 -16.62
C ASN A 270 29.77 22.45 -15.37
N GLU A 271 30.50 23.56 -15.31
CA GLU A 271 30.29 24.56 -14.29
C GLU A 271 28.80 24.91 -14.15
N ARG A 272 28.12 25.07 -15.28
CA ARG A 272 26.71 25.42 -15.31
C ARG A 272 25.96 24.46 -16.23
N ASP A 273 24.81 23.99 -15.77
CA ASP A 273 23.86 23.42 -16.71
C ASP A 273 22.90 24.56 -17.06
N TRP A 274 21.59 24.34 -17.01
CA TRP A 274 20.69 25.43 -17.35
C TRP A 274 19.30 25.11 -16.84
N VAL A 275 18.43 26.12 -16.82
CA VAL A 275 17.00 25.88 -16.94
C VAL A 275 16.60 26.31 -18.35
N VAL A 276 15.89 25.43 -19.04
CA VAL A 276 15.39 25.75 -20.36
C VAL A 276 14.01 26.35 -20.19
N VAL A 277 13.79 27.48 -20.82
CA VAL A 277 12.49 28.16 -20.78
C VAL A 277 11.77 27.89 -22.09
N PHE A 278 10.47 27.61 -22.01
CA PHE A 278 9.65 27.29 -23.17
C PHE A 278 8.69 28.44 -23.45
N ASP A 279 8.69 28.92 -24.70
CA ASP A 279 7.66 29.86 -25.14
C ASP A 279 6.49 29.02 -25.65
N ILE A 280 5.55 28.73 -24.75
CA ILE A 280 4.43 27.85 -25.09
C ILE A 280 3.56 28.47 -26.17
N HIS A 281 3.40 29.79 -26.19
CA HIS A 281 2.66 30.42 -27.28
C HIS A 281 3.31 30.11 -28.62
N ALA A 282 4.63 30.19 -28.70
CA ALA A 282 5.31 29.91 -29.95
C ALA A 282 5.13 28.45 -30.36
N VAL A 283 5.20 27.53 -29.40
CA VAL A 283 4.95 26.12 -29.69
C VAL A 283 3.55 25.92 -30.25
N GLU A 284 2.54 26.43 -29.53
CA GLU A 284 1.17 26.35 -30.00
C GLU A 284 1.01 26.93 -31.41
N ALA A 285 1.61 28.10 -31.68
CA ALA A 285 1.48 28.67 -33.03
C ALA A 285 2.03 27.71 -34.08
N ALA A 286 3.20 27.10 -33.80
CA ALA A 286 3.80 26.20 -34.78
C ALA A 286 2.91 24.98 -35.01
N VAL A 287 2.25 24.48 -33.95
CA VAL A 287 1.36 23.34 -34.10
C VAL A 287 0.14 23.73 -34.92
N LYS A 288 -0.45 24.90 -34.63
CA LYS A 288 -1.61 25.35 -35.40
C LYS A 288 -1.28 25.51 -36.87
N ALA A 289 -0.06 25.94 -37.19
CA ALA A 289 0.35 26.15 -38.57
C ALA A 289 0.81 24.87 -39.25
N GLY A 290 0.88 23.75 -38.52
CA GLY A 290 1.35 22.50 -39.06
C GLY A 290 2.85 22.36 -39.17
N ASP A 291 3.62 23.23 -38.53
CA ASP A 291 5.09 23.20 -38.62
C ASP A 291 5.67 22.29 -37.55
N PHE A 292 5.57 20.98 -37.78
CA PHE A 292 6.10 20.00 -36.84
C PHE A 292 6.36 18.70 -37.57
N ILE A 293 7.08 17.81 -36.90
CA ILE A 293 7.29 16.44 -37.37
C ILE A 293 6.59 15.49 -36.39
N THR A 294 6.57 14.20 -36.74
CA THR A 294 6.17 13.17 -35.79
C THR A 294 7.26 12.09 -35.73
N LEU A 295 7.25 11.33 -34.64
CA LEU A 295 8.27 10.33 -34.35
C LEU A 295 7.62 8.95 -34.26
N GLY A 296 8.20 7.98 -34.98
CA GLY A 296 7.73 6.61 -34.84
C GLY A 296 6.27 6.51 -35.21
N ASP A 297 5.50 5.76 -34.43
CA ASP A 297 4.09 5.57 -34.75
C ASP A 297 3.17 6.46 -33.93
N SER A 298 3.70 7.50 -33.29
CA SER A 298 2.88 8.44 -32.55
C SER A 298 2.54 9.65 -33.41
N LYS A 299 1.27 10.07 -33.37
CA LYS A 299 0.83 11.26 -34.09
C LYS A 299 1.15 12.56 -33.34
N THR A 300 1.77 12.49 -32.17
CA THR A 300 2.04 13.69 -31.38
C THR A 300 2.89 14.67 -32.18
N PRO A 301 2.48 15.94 -32.27
CA PRO A 301 3.34 16.96 -32.91
C PRO A 301 4.64 17.11 -32.14
N VAL A 302 5.76 17.12 -32.85
CA VAL A 302 7.08 17.20 -32.25
C VAL A 302 7.78 18.45 -32.79
N LEU A 303 8.21 19.32 -31.89
CA LEU A 303 8.89 20.55 -32.23
C LEU A 303 10.34 20.48 -31.77
N ASP A 304 11.25 21.07 -32.55
CA ASP A 304 12.67 20.98 -32.24
C ASP A 304 13.11 22.20 -31.43
N GLY A 305 13.31 21.99 -30.12
CA GLY A 305 13.75 23.04 -29.22
C GLY A 305 15.24 23.08 -28.97
N ARG A 306 16.04 22.36 -29.75
CA ARG A 306 17.49 22.36 -29.58
C ARG A 306 18.12 23.61 -30.17
N LYS A 307 19.26 24.00 -29.60
CA LYS A 307 20.12 24.99 -30.25
C LYS A 307 20.83 24.36 -31.43
N LYS A 308 20.90 25.09 -32.55
CA LYS A 308 21.50 24.56 -33.78
C LYS A 308 22.60 25.49 -34.22
N ASP A 309 23.85 25.01 -34.14
CA ASP A 309 25.01 25.81 -34.49
C ASP A 309 24.98 27.14 -33.73
N GLY A 310 24.63 27.06 -32.45
CA GLY A 310 24.56 28.21 -31.58
C GLY A 310 23.33 29.08 -31.77
N LYS A 311 22.47 28.77 -32.74
CA LYS A 311 21.27 29.57 -33.02
C LYS A 311 20.10 29.05 -32.19
N ASP A 312 19.39 29.97 -31.56
CA ASP A 312 18.28 29.59 -30.69
C ASP A 312 17.04 29.21 -31.51
N SER A 313 16.38 28.16 -31.06
CA SER A 313 15.03 27.86 -31.46
C SER A 313 14.11 29.05 -31.12
N LYS A 314 12.96 29.12 -31.78
CA LYS A 314 11.95 30.08 -31.31
C LYS A 314 11.13 29.52 -30.14
N PHE A 315 11.28 28.24 -29.83
CA PHE A 315 10.51 27.63 -28.76
C PHE A 315 11.22 27.65 -27.42
N THR A 316 12.54 27.83 -27.39
CA THR A 316 13.27 27.68 -26.15
C THR A 316 14.37 28.73 -26.01
N ARG A 317 14.73 29.00 -24.76
CA ARG A 317 15.97 29.67 -24.38
C ARG A 317 16.62 28.88 -23.26
N TYR A 318 17.95 28.85 -23.23
CA TYR A 318 18.71 28.10 -22.25
C TYR A 318 19.41 29.11 -21.33
N VAL A 319 19.02 29.15 -20.06
CA VAL A 319 19.57 30.10 -19.11
C VAL A 319 20.60 29.36 -18.25
N PRO A 320 21.89 29.68 -18.37
CA PRO A 320 22.91 28.94 -17.61
C PRO A 320 22.73 29.07 -16.10
N VAL A 321 22.72 27.93 -15.42
CA VAL A 321 22.47 27.86 -13.98
C VAL A 321 23.37 26.80 -13.34
N PRO A 322 24.03 27.10 -12.23
CA PRO A 322 24.80 26.08 -11.50
C PRO A 322 23.96 25.39 -10.42
N LYS A 323 24.26 24.12 -10.16
CA LYS A 323 25.10 23.22 -10.97
C LYS A 323 24.51 21.82 -10.78
N ASN A 324 24.09 21.18 -11.87
CA ASN A 324 23.17 20.06 -11.81
C ASN A 324 21.95 20.49 -10.99
N PRO A 325 21.33 21.62 -11.34
CA PRO A 325 20.21 22.13 -10.54
C PRO A 325 19.04 21.15 -10.53
N HIS A 326 18.24 21.21 -9.46
CA HIS A 326 17.15 20.26 -9.28
C HIS A 326 15.79 20.94 -9.24
N GLY A 327 15.42 21.49 -8.08
CA GLY A 327 14.11 22.13 -7.99
C GLY A 327 13.94 23.24 -9.02
N CYS A 328 12.71 23.37 -9.52
CA CYS A 328 12.34 24.45 -10.43
C CYS A 328 10.96 24.92 -9.97
N ASN A 329 10.93 26.06 -9.27
CA ASN A 329 9.75 26.45 -8.51
C ASN A 329 9.32 27.89 -8.83
N THR A 330 8.04 28.06 -9.16
CA THR A 330 7.48 29.36 -9.51
C THR A 330 7.01 30.06 -8.24
N SER A 331 7.53 31.25 -7.97
CA SER A 331 7.08 31.98 -6.81
C SER A 331 5.59 32.32 -6.92
N SER A 332 4.91 32.37 -5.78
CA SER A 332 3.45 32.55 -5.80
C SER A 332 3.04 33.92 -6.29
N ASP A 333 3.91 34.92 -6.20
CA ASP A 333 3.60 36.21 -6.81
C ASP A 333 3.84 36.22 -8.31
N GLY A 334 4.20 35.08 -8.89
CA GLY A 334 4.47 35.00 -10.31
C GLY A 334 5.74 35.66 -10.79
N LYS A 335 6.61 36.14 -9.89
CA LYS A 335 7.77 36.92 -10.34
C LYS A 335 8.92 36.05 -10.83
N TYR A 336 9.10 34.85 -10.29
CA TYR A 336 10.36 34.13 -10.53
C TYR A 336 10.14 32.65 -10.79
N PHE A 337 10.99 32.10 -11.67
CA PHE A 337 11.34 30.69 -11.63
C PHE A 337 12.56 30.59 -10.74
N ILE A 338 12.49 29.78 -9.68
CA ILE A 338 13.63 29.63 -8.78
C ILE A 338 14.17 28.23 -8.93
N ALA A 339 15.42 28.13 -9.38
CA ALA A 339 16.08 26.85 -9.56
C ALA A 339 17.02 26.60 -8.38
N ALA A 340 16.91 25.41 -7.78
CA ALA A 340 17.76 25.05 -6.65
C ALA A 340 19.08 24.50 -7.16
N GLY A 341 20.19 24.98 -6.58
CA GLY A 341 21.49 24.79 -7.21
C GLY A 341 22.15 23.44 -6.98
N LYS A 342 21.64 22.64 -6.02
CA LYS A 342 22.13 21.33 -5.62
C LYS A 342 23.65 21.28 -5.40
N LEU A 343 24.42 21.06 -6.46
CA LEU A 343 25.88 21.06 -6.29
C LEU A 343 26.42 22.46 -6.08
N SER A 344 25.71 23.49 -6.54
CA SER A 344 26.06 24.86 -6.19
C SER A 344 25.26 25.29 -4.96
N PRO A 345 25.86 25.97 -3.95
CA PRO A 345 25.15 26.22 -2.69
C PRO A 345 24.22 27.43 -2.80
N THR A 346 23.49 27.52 -3.89
CA THR A 346 22.75 28.70 -4.28
C THR A 346 21.38 28.30 -4.79
N CYS A 347 20.50 29.28 -4.93
CA CYS A 347 19.39 29.22 -5.86
C CYS A 347 19.58 30.33 -6.89
N SER A 348 19.06 30.12 -8.10
CA SER A 348 19.09 31.11 -9.15
C SER A 348 17.67 31.59 -9.42
N MET A 349 17.47 32.91 -9.48
CA MET A 349 16.15 33.49 -9.65
C MET A 349 16.04 34.07 -11.05
N ILE A 350 15.17 33.49 -11.87
CA ILE A 350 14.89 33.99 -13.22
C ILE A 350 13.69 34.92 -13.15
N ALA A 351 13.88 36.17 -13.59
CA ALA A 351 12.78 37.16 -13.60
C ALA A 351 11.87 36.83 -14.78
N ILE A 352 10.68 36.33 -14.48
CA ILE A 352 9.72 36.00 -15.53
C ILE A 352 9.37 37.23 -16.34
N ASP A 353 9.40 38.43 -15.72
CA ASP A 353 9.17 39.71 -16.41
C ASP A 353 10.14 39.94 -17.57
N LYS A 354 11.33 39.35 -17.50
CA LYS A 354 12.35 39.58 -18.53
C LYS A 354 12.29 38.59 -19.67
N LEU A 355 11.44 37.57 -19.57
CA LEU A 355 11.40 36.49 -20.53
C LEU A 355 10.93 36.97 -21.90
N PRO A 356 9.90 37.83 -21.99
CA PRO A 356 9.55 38.35 -23.31
C PRO A 356 10.74 39.04 -23.98
N ASP A 357 11.48 39.89 -23.25
CA ASP A 357 12.65 40.53 -23.84
C ASP A 357 13.67 39.50 -24.32
N LEU A 358 13.88 38.45 -23.54
CA LEU A 358 14.85 37.42 -23.92
C LEU A 358 14.47 36.77 -25.24
N PHE A 359 13.20 36.38 -25.37
CA PHE A 359 12.78 35.70 -26.60
C PHE A 359 12.68 36.66 -27.78
N ALA A 360 12.56 37.95 -27.52
CA ALA A 360 12.53 38.95 -28.59
C ALA A 360 13.93 39.36 -29.04
N GLY A 361 14.98 38.84 -28.43
CA GLY A 361 16.32 39.24 -28.80
C GLY A 361 16.77 40.59 -28.26
N LYS A 362 16.08 41.12 -27.25
CA LYS A 362 16.47 42.40 -26.69
C LYS A 362 17.63 42.28 -25.69
N LEU A 363 17.88 41.10 -25.15
CA LEU A 363 18.92 40.90 -24.15
C LEU A 363 20.18 40.33 -24.78
N ALA A 364 21.33 40.86 -24.37
CA ALA A 364 22.59 40.43 -24.96
C ALA A 364 23.05 39.07 -24.47
N ASP A 365 22.46 38.54 -23.40
CA ASP A 365 22.97 37.35 -22.74
C ASP A 365 21.84 36.69 -21.97
N PRO A 366 21.64 35.38 -22.11
CA PRO A 366 20.57 34.72 -21.36
C PRO A 366 20.72 34.81 -19.84
N ARG A 367 21.93 35.03 -19.32
CA ARG A 367 22.10 35.29 -17.89
C ARG A 367 21.45 36.61 -17.46
N ASP A 368 21.14 37.49 -18.41
CA ASP A 368 20.49 38.76 -18.07
C ASP A 368 19.12 38.57 -17.44
N VAL A 369 18.48 37.41 -17.61
CA VAL A 369 17.21 37.17 -16.93
C VAL A 369 17.41 36.71 -15.49
N ILE A 370 18.64 36.43 -15.08
CA ILE A 370 18.93 36.07 -13.69
C ILE A 370 19.02 37.36 -12.89
N VAL A 371 18.17 37.50 -11.87
CA VAL A 371 18.12 38.70 -11.05
C VAL A 371 18.51 38.43 -9.61
N GLY A 372 18.76 37.18 -9.26
CA GLY A 372 19.25 36.85 -7.93
C GLY A 372 19.87 35.48 -7.94
N GLU A 373 20.89 35.31 -7.10
CA GLU A 373 21.55 34.01 -7.00
C GLU A 373 22.07 33.89 -5.57
N PRO A 374 21.18 33.85 -4.59
CA PRO A 374 21.62 33.90 -3.19
C PRO A 374 22.39 32.66 -2.79
N GLU A 375 23.38 32.85 -1.92
CA GLU A 375 24.06 31.73 -1.29
C GLU A 375 23.30 31.36 -0.03
N LEU A 376 22.93 30.09 0.07
CA LEU A 376 22.02 29.62 1.11
C LEU A 376 22.59 28.53 2.00
N GLY A 377 23.37 27.62 1.45
CA GLY A 377 23.87 26.48 2.20
C GLY A 377 24.17 25.31 1.28
N LEU A 378 24.55 24.19 1.89
CA LEU A 378 25.01 23.03 1.15
C LEU A 378 23.83 22.18 0.68
N GLY A 379 23.73 21.99 -0.64
CA GLY A 379 22.80 21.05 -1.24
C GLY A 379 21.37 21.55 -1.35
N PRO A 380 21.17 22.76 -1.88
CA PRO A 380 19.80 23.25 -2.09
C PRO A 380 19.12 22.41 -3.15
N LEU A 381 17.92 21.93 -2.84
CA LEU A 381 17.19 21.03 -3.72
C LEU A 381 15.82 21.53 -4.15
N HIS A 382 15.13 22.33 -3.33
CA HIS A 382 13.71 22.60 -3.60
C HIS A 382 13.30 23.85 -2.84
N THR A 383 12.32 24.58 -3.39
CA THR A 383 11.91 25.86 -2.81
C THR A 383 10.39 25.99 -2.79
N THR A 384 9.87 26.59 -1.73
CA THR A 384 8.43 26.84 -1.63
C THR A 384 8.24 28.24 -1.03
N PHE A 385 6.98 28.67 -0.90
CA PHE A 385 6.69 30.08 -0.66
C PHE A 385 5.57 30.23 0.35
N ASP A 386 5.68 31.24 1.22
CA ASP A 386 4.63 31.51 2.20
C ASP A 386 3.62 32.55 1.75
N GLY A 387 3.77 33.11 0.54
CA GLY A 387 2.93 34.20 0.09
C GLY A 387 3.17 35.54 0.76
N ARG A 388 4.07 35.61 1.72
CA ARG A 388 4.43 36.85 2.39
C ARG A 388 5.71 37.43 1.84
N GLY A 389 6.29 36.83 0.80
CA GLY A 389 7.52 37.32 0.22
C GLY A 389 8.75 36.54 0.61
N ASN A 390 8.59 35.48 1.39
CA ASN A 390 9.70 34.61 1.75
C ASN A 390 9.70 33.36 0.89
N ALA A 391 10.90 32.84 0.67
CA ALA A 391 11.11 31.51 0.12
C ALA A 391 11.67 30.60 1.22
N TYR A 392 11.40 29.31 1.08
CA TYR A 392 11.86 28.27 2.01
C TYR A 392 12.50 27.18 1.17
N THR A 393 13.77 26.87 1.44
CA THR A 393 14.54 25.99 0.57
C THR A 393 15.14 24.86 1.40
N THR A 394 15.05 23.63 0.87
CA THR A 394 15.70 22.50 1.53
C THR A 394 17.21 22.51 1.27
N LEU A 395 17.99 22.24 2.33
CA LEU A 395 19.44 22.06 2.22
C LEU A 395 19.74 20.60 2.51
N PHE A 396 19.93 19.81 1.46
CA PHE A 396 20.07 18.36 1.66
C PHE A 396 21.30 18.05 2.49
N ILE A 397 22.42 18.72 2.22
CA ILE A 397 23.67 18.37 2.89
C ILE A 397 23.68 18.91 4.31
N ASP A 398 23.42 20.22 4.47
CA ASP A 398 23.35 20.83 5.79
C ASP A 398 22.18 20.33 6.63
N SER A 399 21.20 19.66 6.01
CA SER A 399 20.02 19.07 6.67
C SER A 399 19.19 20.13 7.39
N GLN A 400 18.77 21.13 6.61
CA GLN A 400 18.02 22.26 7.13
C GLN A 400 17.00 22.72 6.11
N VAL A 401 16.02 23.50 6.60
CA VAL A 401 15.21 24.37 5.77
C VAL A 401 15.68 25.80 6.04
N VAL A 402 15.97 26.55 4.98
CA VAL A 402 16.38 27.94 5.12
C VAL A 402 15.27 28.84 4.60
N LYS A 403 14.86 29.80 5.41
CA LYS A 403 13.86 30.80 5.05
C LYS A 403 14.60 32.05 4.61
N TRP A 404 14.22 32.60 3.45
CA TRP A 404 14.91 33.77 2.94
C TRP A 404 13.94 34.67 2.19
N ASN A 405 14.29 35.95 2.12
CA ASN A 405 13.43 36.98 1.54
C ASN A 405 13.84 37.21 0.08
N MET A 406 12.91 37.01 -0.83
CA MET A 406 13.27 37.00 -2.24
C MET A 406 13.69 38.38 -2.75
N GLU A 407 12.98 39.43 -2.35
CA GLU A 407 13.36 40.75 -2.86
C GLU A 407 14.70 41.19 -2.28
N GLU A 408 15.00 40.79 -1.04
CA GLU A 408 16.31 41.14 -0.49
C GLU A 408 17.43 40.41 -1.22
N ALA A 409 17.21 39.15 -1.59
CA ALA A 409 18.19 38.43 -2.40
C ALA A 409 18.42 39.15 -3.73
N VAL A 410 17.34 39.67 -4.33
CA VAL A 410 17.49 40.38 -5.60
C VAL A 410 18.34 41.63 -5.41
N ARG A 411 18.13 42.35 -4.31
CA ARG A 411 18.94 43.54 -4.03
C ARG A 411 20.40 43.15 -3.74
N ALA A 412 20.62 42.07 -3.00
CA ALA A 412 21.99 41.64 -2.75
C ALA A 412 22.71 41.30 -4.05
N TYR A 413 22.01 40.65 -4.98
CA TYR A 413 22.61 40.35 -6.28
C TYR A 413 23.13 41.60 -6.96
N LYS A 414 22.47 42.74 -6.77
CA LYS A 414 22.93 43.99 -7.35
C LYS A 414 24.13 44.58 -6.61
N GLY A 415 24.50 44.02 -5.46
CA GLY A 415 25.60 44.52 -4.67
C GLY A 415 25.22 45.17 -3.36
N GLU A 416 23.94 45.26 -3.03
CA GLU A 416 23.54 45.85 -1.76
C GLU A 416 23.88 44.93 -0.61
N LYS A 417 24.41 45.50 0.47
CA LYS A 417 24.72 44.74 1.67
C LYS A 417 23.42 44.57 2.46
N VAL A 418 22.79 43.41 2.32
CA VAL A 418 21.56 43.11 3.03
C VAL A 418 21.48 41.60 3.22
N ASN A 419 21.22 41.18 4.45
CA ASN A 419 21.10 39.76 4.76
C ASN A 419 19.67 39.32 4.46
N TYR A 420 19.54 38.52 3.41
CA TYR A 420 18.26 37.98 3.02
C TYR A 420 17.89 36.71 3.77
N ILE A 421 18.81 36.13 4.54
CA ILE A 421 18.52 34.90 5.25
C ILE A 421 17.85 35.23 6.58
N LYS A 422 16.72 34.58 6.85
CA LYS A 422 15.94 34.88 8.04
C LYS A 422 16.07 33.83 9.14
N GLN A 423 16.19 32.56 8.77
CA GLN A 423 16.24 31.47 9.74
C GLN A 423 16.64 30.17 9.05
N LYS A 424 17.42 29.36 9.76
CA LYS A 424 17.74 28.00 9.35
C LYS A 424 17.23 27.05 10.43
N LEU A 425 16.37 26.11 10.05
CA LEU A 425 15.76 25.15 10.95
C LEU A 425 16.32 23.77 10.67
N ASP A 426 16.84 23.11 11.71
CA ASP A 426 17.35 21.76 11.50
C ASP A 426 16.20 20.78 11.28
N VAL A 427 16.35 19.91 10.27
CA VAL A 427 15.39 18.84 9.98
C VAL A 427 16.14 17.51 9.96
N HIS A 428 15.38 16.41 9.98
CA HIS A 428 15.92 15.13 10.43
C HIS A 428 15.47 13.98 9.52
N TYR A 429 16.26 13.62 8.50
CA TYR A 429 17.53 14.24 8.12
C TYR A 429 17.63 14.18 6.59
N GLN A 430 18.37 15.10 5.97
CA GLN A 430 18.59 15.07 4.52
C GLN A 430 17.30 15.34 3.78
N PRO A 431 16.80 16.58 3.82
CA PRO A 431 15.52 16.89 3.16
C PRO A 431 15.65 16.93 1.64
N GLY A 432 14.61 16.44 0.98
CA GLY A 432 14.49 16.48 -0.47
C GLY A 432 13.61 17.64 -0.87
N HIS A 433 12.32 17.41 -1.01
CA HIS A 433 11.39 18.47 -1.35
C HIS A 433 10.74 19.05 -0.10
N LEU A 434 10.09 20.20 -0.27
CA LEU A 434 9.24 20.76 0.77
C LEU A 434 8.07 21.49 0.12
N HIS A 435 7.00 21.69 0.89
CA HIS A 435 5.74 22.20 0.34
C HIS A 435 5.02 23.03 1.39
N ALA A 436 4.75 24.31 1.07
CA ALA A 436 3.94 25.18 1.92
C ALA A 436 2.50 25.18 1.42
N SER A 437 1.54 25.39 2.33
CA SER A 437 0.15 25.22 1.94
C SER A 437 -0.25 26.26 0.89
N LEU A 438 -0.86 25.78 -0.21
CA LEU A 438 -1.32 26.58 -1.36
C LEU A 438 -0.16 27.25 -2.10
N CYS A 439 1.06 26.75 -1.91
CA CYS A 439 2.24 27.40 -2.48
C CYS A 439 2.24 27.44 -4.00
N GLU A 440 1.54 26.54 -4.67
CA GLU A 440 1.52 26.53 -6.13
C GLU A 440 0.44 27.44 -6.71
N THR A 441 -0.16 28.30 -5.89
CA THR A 441 -1.26 29.16 -6.31
C THR A 441 -1.02 30.58 -5.83
N ASN A 442 -1.76 31.52 -6.42
CA ASN A 442 -1.65 32.89 -5.94
C ASN A 442 -2.36 33.09 -4.58
N GLU A 443 -2.87 32.02 -3.99
CA GLU A 443 -3.49 32.06 -2.66
C GLU A 443 -2.59 31.48 -1.58
N ALA A 444 -1.31 31.24 -1.87
CA ALA A 444 -0.35 30.73 -0.89
C ALA A 444 -0.56 31.42 0.46
N ASP A 445 -0.89 30.64 1.50
CA ASP A 445 -1.42 31.23 2.72
C ASP A 445 -0.45 31.25 3.88
N GLY A 446 0.74 30.68 3.72
CA GLY A 446 1.79 30.83 4.73
C GLY A 446 1.50 30.17 6.05
N LYS A 447 0.72 29.08 6.08
CA LYS A 447 0.33 28.45 7.34
CA LYS A 447 0.33 28.45 7.35
C LYS A 447 1.16 27.21 7.67
N TRP A 448 1.20 26.23 6.78
CA TRP A 448 1.90 24.98 7.04
C TRP A 448 2.98 24.72 6.01
N LEU A 449 4.04 24.07 6.48
CA LEU A 449 5.16 23.63 5.65
C LEU A 449 5.46 22.18 5.97
N VAL A 450 5.58 21.35 4.94
CA VAL A 450 6.07 19.98 5.12
C VAL A 450 7.40 19.85 4.41
N ALA A 451 8.39 19.35 5.15
CA ALA A 451 9.71 19.03 4.60
C ALA A 451 9.88 17.52 4.63
N LEU A 452 10.22 16.94 3.49
CA LEU A 452 10.18 15.49 3.30
C LEU A 452 11.61 14.95 3.29
N SER A 453 12.07 14.45 4.44
CA SER A 453 13.47 14.10 4.65
C SER A 453 13.71 12.61 4.45
N LYS A 454 14.85 12.27 3.87
CA LYS A 454 15.07 10.93 3.34
C LYS A 454 15.65 9.95 4.35
N PHE A 455 16.42 10.40 5.35
CA PHE A 455 17.03 9.51 6.34
C PHE A 455 16.40 9.79 7.70
N SER A 456 15.55 8.88 8.17
CA SER A 456 14.88 9.10 9.44
C SER A 456 15.72 8.66 10.63
N LYS A 457 16.76 7.86 10.41
CA LYS A 457 17.67 7.44 11.47
C LYS A 457 16.95 7.03 12.74
N ASP A 458 17.15 7.77 13.84
CA ASP A 458 16.62 7.41 15.15
C ASP A 458 15.35 8.18 15.53
N ARG A 459 14.64 8.77 14.57
CA ARG A 459 13.47 9.57 14.89
C ARG A 459 12.23 8.73 15.17
N PHE A 460 12.26 7.44 14.82
CA PHE A 460 11.17 6.52 15.10
C PHE A 460 11.75 5.21 15.61
N LEU A 461 10.87 4.38 16.19
CA LEU A 461 11.25 3.04 16.61
C LEU A 461 11.92 2.30 15.46
N PRO A 462 12.94 1.48 15.74
CA PRO A 462 13.56 0.67 14.67
C PRO A 462 12.60 -0.36 14.11
N VAL A 463 12.65 -0.56 12.80
CA VAL A 463 11.73 -1.48 12.11
C VAL A 463 12.50 -2.31 11.09
N GLY A 464 13.77 -2.60 11.38
CA GLY A 464 14.56 -3.41 10.49
C GLY A 464 15.46 -2.59 9.59
N PRO A 465 16.05 -3.25 8.60
CA PRO A 465 17.03 -2.56 7.74
C PRO A 465 16.42 -1.42 6.93
N LEU A 466 15.16 -1.54 6.51
CA LEU A 466 14.50 -0.50 5.76
C LEU A 466 13.89 0.53 6.72
N HIS A 467 14.04 1.82 6.39
CA HIS A 467 13.59 2.90 7.28
C HIS A 467 12.46 3.71 6.63
N PRO A 468 11.60 4.35 7.42
CA PRO A 468 10.59 5.24 6.86
C PRO A 468 11.19 6.58 6.48
N GLU A 469 10.51 7.28 5.56
CA GLU A 469 10.78 8.70 5.32
C GLU A 469 10.29 9.49 6.52
N ASN A 470 10.88 10.66 6.75
CA ASN A 470 10.40 11.52 7.83
C ASN A 470 9.82 12.79 7.21
N ASP A 471 8.50 12.86 7.14
CA ASP A 471 7.81 14.04 6.63
C ASP A 471 7.48 14.92 7.82
N GLN A 472 8.16 16.04 7.94
CA GLN A 472 8.08 16.86 9.14
C GLN A 472 7.20 18.08 8.91
N LEU A 473 6.18 18.24 9.76
CA LEU A 473 5.26 19.38 9.69
C LEU A 473 5.84 20.55 10.47
N ILE A 474 5.90 21.71 9.82
CA ILE A 474 6.51 22.91 10.36
C ILE A 474 5.47 24.04 10.31
N ASP A 475 5.27 24.71 11.44
CA ASP A 475 4.42 25.89 11.51
C ASP A 475 5.19 27.10 10.98
N ILE A 476 4.68 27.70 9.90
CA ILE A 476 5.29 28.90 9.32
C ILE A 476 4.36 30.11 9.43
N SER A 477 3.31 30.02 10.24
CA SER A 477 2.34 31.10 10.30
C SER A 477 2.93 32.39 10.89
N GLY A 478 3.98 32.30 11.70
CA GLY A 478 4.59 33.44 12.34
C GLY A 478 5.99 33.71 11.82
N ASP A 479 6.70 34.56 12.57
CA ASP A 479 8.03 34.96 12.11
C ASP A 479 9.02 33.80 12.13
N GLU A 480 8.83 32.85 13.04
CA GLU A 480 9.79 31.78 13.24
C GLU A 480 9.18 30.45 12.83
N MET A 481 9.89 29.70 11.99
CA MET A 481 9.51 28.32 11.70
C MET A 481 9.57 27.50 12.98
N LYS A 482 8.55 26.68 13.21
CA LYS A 482 8.51 25.82 14.39
C LYS A 482 8.20 24.39 13.94
N LEU A 483 9.09 23.46 14.30
CA LEU A 483 8.88 22.05 13.98
C LEU A 483 7.84 21.49 14.95
N VAL A 484 6.77 20.88 14.42
CA VAL A 484 5.72 20.43 15.33
C VAL A 484 5.35 18.95 15.23
N HIS A 485 5.75 18.25 14.16
CA HIS A 485 5.36 16.85 14.02
C HIS A 485 6.28 16.11 13.07
N ASP A 486 6.68 14.89 13.46
CA ASP A 486 7.43 13.98 12.60
C ASP A 486 6.48 12.92 12.07
N GLY A 487 6.29 12.87 10.76
CA GLY A 487 5.40 11.91 10.16
C GLY A 487 6.14 10.87 9.33
N PRO A 488 6.17 9.61 9.82
CA PRO A 488 6.86 8.56 9.07
C PRO A 488 6.01 8.11 7.90
N THR A 489 6.64 7.90 6.75
CA THR A 489 5.88 7.45 5.59
C THR A 489 6.68 6.40 4.83
N PHE A 490 5.96 5.58 4.08
CA PHE A 490 6.50 4.41 3.41
C PHE A 490 6.95 4.77 1.99
N ALA A 491 8.15 4.33 1.62
CA ALA A 491 8.53 4.24 0.21
C ALA A 491 8.79 5.59 -0.44
N GLU A 492 9.18 6.59 0.35
CA GLU A 492 9.70 7.86 -0.15
C GLU A 492 8.70 8.58 -1.05
N PRO A 493 7.63 9.13 -0.45
CA PRO A 493 6.75 10.04 -1.17
C PRO A 493 7.50 11.10 -1.96
N HIS A 494 8.56 11.66 -1.40
CA HIS A 494 9.26 12.73 -2.12
C HIS A 494 8.53 14.09 -2.12
N ASP A 495 7.34 14.19 -2.69
CA ASP A 495 6.62 15.47 -2.71
C ASP A 495 5.15 15.31 -2.33
N CYS A 496 4.52 16.43 -1.97
CA CYS A 496 3.13 16.42 -1.53
C CYS A 496 2.49 17.75 -1.88
N ILE A 497 1.18 17.82 -1.69
CA ILE A 497 0.46 19.05 -1.98
C ILE A 497 -0.70 19.16 -0.99
N MET A 498 -0.99 20.38 -0.57
CA MET A 498 -2.05 20.64 0.41
C MET A 498 -3.11 21.54 -0.20
N ALA A 499 -4.38 21.20 0.05
CA ALA A 499 -5.50 22.03 -0.36
C ALA A 499 -6.35 22.33 0.87
N ARG A 500 -7.01 23.48 0.87
CA ARG A 500 -7.98 23.78 1.92
C ARG A 500 -9.11 22.76 1.85
N ARG A 501 -9.72 22.49 3.00
CA ARG A 501 -10.89 21.61 3.01
C ARG A 501 -11.91 22.05 1.97
N ASP A 502 -12.20 23.36 1.91
CA ASP A 502 -13.25 23.88 1.04
C ASP A 502 -12.88 23.85 -0.45
N GLN A 503 -11.64 23.47 -0.79
CA GLN A 503 -11.26 23.35 -2.19
C GLN A 503 -11.55 21.98 -2.80
N ILE A 504 -11.94 21.00 -1.99
CA ILE A 504 -12.16 19.61 -2.40
C ILE A 504 -13.60 19.25 -2.12
N LYS A 505 -14.33 18.79 -3.15
CA LYS A 505 -15.71 18.34 -3.02
C LYS A 505 -15.83 16.93 -3.56
N THR A 506 -16.31 15.99 -2.74
CA THR A 506 -16.35 14.60 -3.13
C THR A 506 -17.76 14.06 -3.13
N LYS A 507 -17.96 13.00 -3.91
CA LYS A 507 -19.23 12.30 -3.98
C LYS A 507 -19.32 11.28 -2.86
N LYS A 508 -20.48 11.26 -2.21
CA LYS A 508 -20.75 10.28 -1.16
C LYS A 508 -21.13 8.93 -1.74
N ILE A 509 -21.83 8.91 -2.88
CA ILE A 509 -22.14 7.67 -3.57
C ILE A 509 -21.98 7.90 -5.06
N TRP A 510 -21.76 6.79 -5.78
CA TRP A 510 -21.51 6.88 -7.21
C TRP A 510 -22.73 7.34 -7.98
N ASP A 511 -22.48 8.02 -9.10
CA ASP A 511 -23.52 8.25 -10.09
CA ASP A 511 -23.48 8.29 -10.13
C ASP A 511 -23.58 7.06 -11.03
N ARG A 512 -24.81 6.63 -11.35
CA ARG A 512 -24.96 5.46 -12.21
C ARG A 512 -24.41 5.69 -13.61
N ASN A 513 -24.30 6.95 -14.04
CA ASN A 513 -23.76 7.29 -15.35
CA ASN A 513 -23.76 7.27 -15.36
C ASN A 513 -22.29 7.64 -15.30
N ASP A 514 -21.57 7.25 -14.25
CA ASP A 514 -20.19 7.69 -14.14
C ASP A 514 -19.35 7.13 -15.28
N PRO A 515 -18.53 7.97 -15.93
CA PRO A 515 -17.61 7.47 -16.97
C PRO A 515 -16.67 6.36 -16.50
N PHE A 516 -16.36 6.27 -15.20
CA PHE A 516 -15.41 5.28 -14.72
C PHE A 516 -15.80 3.86 -15.13
N PHE A 517 -17.09 3.52 -15.07
CA PHE A 517 -17.53 2.18 -15.49
C PHE A 517 -18.50 2.22 -16.67
N ALA A 518 -18.52 3.32 -17.43
CA ALA A 518 -19.38 3.36 -18.61
C ALA A 518 -19.06 2.26 -19.62
N PRO A 519 -17.81 1.88 -19.86
CA PRO A 519 -17.58 0.74 -20.77
C PRO A 519 -18.26 -0.54 -20.30
N THR A 520 -18.37 -0.73 -18.98
CA THR A 520 -19.04 -1.89 -18.45
C THR A 520 -20.55 -1.78 -18.62
N VAL A 521 -21.09 -0.58 -18.45
CA VAL A 521 -22.50 -0.34 -18.77
C VAL A 521 -22.75 -0.67 -20.24
N GLU A 522 -21.80 -0.34 -21.12
CA GLU A 522 -21.96 -0.64 -22.53
C GLU A 522 -21.99 -2.14 -22.79
N MET A 523 -21.05 -2.88 -22.19
CA MET A 523 -21.06 -4.34 -22.29
C MET A 523 -22.41 -4.89 -21.84
N ALA A 524 -22.91 -4.39 -20.72
CA ALA A 524 -24.20 -4.86 -20.20
C ALA A 524 -25.32 -4.60 -21.20
N LYS A 525 -25.31 -3.43 -21.85
CA LYS A 525 -26.33 -3.11 -22.84
C LYS A 525 -26.34 -4.14 -23.96
N LYS A 526 -25.17 -4.53 -24.46
CA LYS A 526 -25.09 -5.52 -25.53
C LYS A 526 -25.72 -6.85 -25.13
N ASP A 527 -25.69 -7.17 -23.83
CA ASP A 527 -26.27 -8.40 -23.30
C ASP A 527 -27.73 -8.21 -22.92
N GLY A 528 -28.31 -7.03 -23.15
CA GLY A 528 -29.69 -6.80 -22.78
C GLY A 528 -29.93 -6.73 -21.29
N ILE A 529 -28.94 -6.26 -20.52
CA ILE A 529 -28.93 -6.31 -19.07
C ILE A 529 -29.23 -4.93 -18.50
N ASN A 530 -30.19 -4.85 -17.56
CA ASN A 530 -30.39 -3.67 -16.73
C ASN A 530 -29.60 -3.88 -15.44
N LEU A 531 -28.47 -3.19 -15.32
CA LEU A 531 -27.55 -3.42 -14.20
C LEU A 531 -28.19 -3.10 -12.85
N ASP A 532 -29.13 -2.15 -12.82
CA ASP A 532 -29.77 -1.73 -11.58
C ASP A 532 -30.68 -2.81 -11.00
N THR A 533 -31.11 -3.79 -11.80
CA THR A 533 -32.10 -4.74 -11.31
C THR A 533 -31.73 -6.21 -11.51
N ASP A 534 -30.92 -6.52 -12.52
CA ASP A 534 -30.85 -7.89 -13.04
C ASP A 534 -29.88 -8.79 -12.28
N ASN A 535 -30.25 -10.07 -12.20
CA ASN A 535 -29.42 -11.13 -11.62
C ASN A 535 -29.50 -12.31 -12.58
N LYS A 536 -28.53 -12.42 -13.47
CA LYS A 536 -28.63 -13.27 -14.65
C LYS A 536 -27.25 -13.78 -15.04
N VAL A 537 -27.22 -14.94 -15.67
CA VAL A 537 -26.00 -15.57 -16.14
C VAL A 537 -26.13 -15.74 -17.65
N ILE A 538 -25.23 -15.10 -18.40
CA ILE A 538 -25.23 -15.12 -19.85
C ILE A 538 -24.17 -16.12 -20.30
N ARG A 539 -24.55 -17.06 -21.17
CA ARG A 539 -23.63 -18.09 -21.65
C ARG A 539 -23.32 -17.83 -23.12
N ASP A 540 -22.03 -17.85 -23.44
CA ASP A 540 -21.59 -17.45 -24.77
C ASP A 540 -20.38 -18.32 -25.13
N GLY A 541 -20.65 -19.54 -25.60
CA GLY A 541 -19.53 -20.47 -25.86
C GLY A 541 -18.86 -20.84 -24.56
N ASN A 542 -17.53 -20.68 -24.48
CA ASN A 542 -16.82 -20.90 -23.24
C ASN A 542 -16.70 -19.64 -22.40
N LYS A 543 -17.45 -18.59 -22.75
CA LYS A 543 -17.50 -17.36 -21.95
C LYS A 543 -18.79 -17.37 -21.14
N VAL A 544 -18.69 -16.97 -19.88
CA VAL A 544 -19.83 -16.84 -18.98
C VAL A 544 -19.80 -15.44 -18.40
N ARG A 545 -20.91 -14.71 -18.52
CA ARG A 545 -20.99 -13.36 -17.97
C ARG A 545 -22.12 -13.35 -16.94
N VAL A 546 -21.72 -13.33 -15.66
CA VAL A 546 -22.65 -13.24 -14.54
C VAL A 546 -22.89 -11.77 -14.26
N TYR A 547 -24.15 -11.39 -14.14
CA TYR A 547 -24.52 -10.04 -13.74
C TYR A 547 -25.39 -10.12 -12.50
N MET A 548 -25.09 -9.30 -11.50
CA MET A 548 -25.85 -9.37 -10.26
C MET A 548 -25.85 -8.02 -9.57
N THR A 549 -26.94 -7.75 -8.86
CA THR A 549 -26.96 -6.65 -7.90
C THR A 549 -26.47 -7.19 -6.56
N SER A 550 -26.14 -6.28 -5.65
CA SER A 550 -25.77 -6.69 -4.30
C SER A 550 -26.38 -5.69 -3.34
N MET A 551 -26.93 -6.20 -2.25
CA MET A 551 -27.55 -5.37 -1.24
C MET A 551 -27.31 -6.07 0.09
N ALA A 552 -26.67 -5.38 1.03
CA ALA A 552 -26.26 -6.03 2.25
C ALA A 552 -27.45 -6.72 2.90
N PRO A 553 -27.33 -8.00 3.31
CA PRO A 553 -26.12 -8.80 3.26
C PRO A 553 -26.17 -9.94 2.27
N ALA A 554 -26.59 -9.69 1.03
CA ALA A 554 -26.78 -10.77 0.07
C ALA A 554 -26.27 -10.38 -1.31
N PHE A 555 -25.49 -11.27 -1.92
CA PHE A 555 -25.25 -11.19 -3.35
C PHE A 555 -26.54 -11.51 -4.10
N GLY A 556 -26.78 -10.79 -5.20
CA GLY A 556 -27.99 -11.03 -5.98
C GLY A 556 -27.99 -12.37 -6.69
N VAL A 557 -26.81 -12.87 -7.05
CA VAL A 557 -26.64 -14.23 -7.58
C VAL A 557 -25.79 -14.98 -6.57
N GLN A 558 -26.38 -15.99 -5.92
CA GLN A 558 -25.68 -16.69 -4.83
C GLN A 558 -25.09 -18.03 -5.26
N GLU A 559 -25.36 -18.48 -6.47
CA GLU A 559 -24.69 -19.65 -7.02
C GLU A 559 -24.77 -19.56 -8.52
N PHE A 560 -23.74 -20.08 -9.19
CA PHE A 560 -23.81 -20.27 -10.63
C PHE A 560 -22.87 -21.42 -11.01
N THR A 561 -23.18 -22.04 -12.14
CA THR A 561 -22.47 -23.22 -12.59
C THR A 561 -21.82 -22.95 -13.93
N VAL A 562 -20.55 -23.37 -14.07
CA VAL A 562 -19.80 -23.20 -15.29
C VAL A 562 -19.07 -24.50 -15.60
N LYS A 563 -18.46 -24.53 -16.78
CA LYS A 563 -17.66 -25.64 -17.26
C LYS A 563 -16.18 -25.33 -17.03
N GLN A 564 -15.43 -26.33 -16.56
CA GLN A 564 -14.01 -26.14 -16.32
C GLN A 564 -13.36 -25.54 -17.57
N GLY A 565 -12.54 -24.52 -17.37
CA GLY A 565 -11.96 -23.81 -18.50
C GLY A 565 -12.71 -22.58 -18.96
N ASP A 566 -13.97 -22.42 -18.56
CA ASP A 566 -14.74 -21.23 -18.96
C ASP A 566 -14.04 -19.95 -18.50
N GLU A 567 -14.12 -18.91 -19.32
CA GLU A 567 -13.68 -17.58 -18.91
C GLU A 567 -14.89 -16.87 -18.32
N VAL A 568 -14.82 -16.58 -17.03
CA VAL A 568 -15.94 -16.06 -16.25
C VAL A 568 -15.73 -14.58 -16.01
N THR A 569 -16.73 -13.77 -16.35
CA THR A 569 -16.75 -12.36 -15.97
C THR A 569 -17.88 -12.17 -14.96
N VAL A 570 -17.56 -11.55 -13.82
CA VAL A 570 -18.57 -11.28 -12.80
C VAL A 570 -18.71 -9.78 -12.71
N THR A 571 -19.92 -9.28 -12.92
CA THR A 571 -20.23 -7.87 -12.88
C THR A 571 -21.19 -7.65 -11.74
N ILE A 572 -20.84 -6.76 -10.81
CA ILE A 572 -21.62 -6.58 -9.60
C ILE A 572 -21.99 -5.11 -9.50
N THR A 573 -23.28 -4.83 -9.28
CA THR A 573 -23.77 -3.48 -9.05
C THR A 573 -24.25 -3.38 -7.61
N ASN A 574 -23.64 -2.47 -6.85
CA ASN A 574 -24.01 -2.28 -5.44
C ASN A 574 -25.22 -1.34 -5.40
N ILE A 575 -26.40 -1.87 -5.08
CA ILE A 575 -27.60 -1.05 -5.09
C ILE A 575 -27.99 -0.60 -3.69
N ASP A 576 -27.14 -0.83 -2.69
CA ASP A 576 -27.28 -0.09 -1.45
C ASP A 576 -27.15 1.40 -1.73
N GLN A 577 -27.98 2.19 -1.05
CA GLN A 577 -27.95 3.64 -1.20
C GLN A 577 -27.37 4.35 0.02
N ILE A 578 -27.08 3.63 1.09
CA ILE A 578 -26.55 4.23 2.30
C ILE A 578 -25.06 4.46 2.13
N GLU A 579 -24.59 5.66 2.46
CA GLU A 579 -23.17 5.96 2.40
C GLU A 579 -22.38 4.95 3.20
N ASP A 580 -21.20 4.58 2.70
CA ASP A 580 -20.23 3.77 3.42
C ASP A 580 -20.58 2.27 3.40
N VAL A 581 -21.68 1.86 2.79
CA VAL A 581 -22.01 0.41 2.73
C VAL A 581 -21.38 -0.15 1.46
N SER A 582 -20.06 -0.33 1.51
CA SER A 582 -19.34 -0.96 0.42
C SER A 582 -19.40 -2.48 0.56
N HIS A 583 -19.36 -3.18 -0.57
CA HIS A 583 -19.20 -4.62 -0.61
C HIS A 583 -17.89 -4.99 -1.28
N GLY A 584 -17.47 -6.23 -1.08
CA GLY A 584 -16.34 -6.79 -1.78
C GLY A 584 -16.76 -8.04 -2.53
N PHE A 585 -15.84 -8.55 -3.32
CA PHE A 585 -16.03 -9.82 -4.02
C PHE A 585 -14.69 -10.51 -4.13
N VAL A 586 -14.56 -11.68 -3.52
CA VAL A 586 -13.36 -12.50 -3.56
C VAL A 586 -13.77 -13.90 -3.96
N VAL A 587 -13.10 -14.47 -4.95
CA VAL A 587 -13.27 -15.88 -5.30
C VAL A 587 -12.09 -16.65 -4.70
N VAL A 588 -12.38 -17.57 -3.78
CA VAL A 588 -11.32 -18.23 -3.02
C VAL A 588 -10.42 -19.00 -3.97
N ASN A 589 -9.10 -18.83 -3.77
CA ASN A 589 -8.06 -19.59 -4.47
C ASN A 589 -8.06 -19.33 -5.97
N HIS A 590 -8.60 -18.19 -6.43
CA HIS A 590 -8.57 -17.83 -7.84
C HIS A 590 -7.87 -16.50 -8.11
N GLY A 591 -7.34 -15.83 -7.09
CA GLY A 591 -6.70 -14.53 -7.28
C GLY A 591 -7.65 -13.43 -7.71
N VAL A 592 -8.89 -13.45 -7.23
CA VAL A 592 -9.94 -12.53 -7.65
C VAL A 592 -10.36 -11.73 -6.43
N SER A 593 -10.34 -10.39 -6.54
CA SER A 593 -10.69 -9.48 -5.45
C SER A 593 -11.08 -8.12 -6.01
N MET A 594 -12.16 -7.53 -5.51
CA MET A 594 -12.52 -6.18 -5.94
C MET A 594 -13.53 -5.53 -5.01
N GLU A 595 -13.56 -4.19 -5.05
CA GLU A 595 -14.48 -3.32 -4.30
C GLU A 595 -15.69 -2.98 -5.15
N ILE A 596 -16.86 -2.90 -4.51
CA ILE A 596 -18.05 -2.29 -5.12
C ILE A 596 -18.71 -1.39 -4.09
N SER A 597 -18.53 -0.08 -4.24
CA SER A 597 -19.09 0.90 -3.32
C SER A 597 -20.50 1.29 -3.76
N PRO A 598 -21.24 2.02 -2.93
CA PRO A 598 -22.67 2.24 -3.21
C PRO A 598 -22.91 2.86 -4.58
N GLN A 599 -23.75 2.19 -5.38
CA GLN A 599 -24.17 2.59 -6.72
C GLN A 599 -23.06 2.44 -7.75
N GLN A 600 -21.93 1.84 -7.40
CA GLN A 600 -20.90 1.48 -8.37
C GLN A 600 -21.24 0.16 -9.08
N THR A 601 -20.82 0.04 -10.35
CA THR A 601 -20.73 -1.26 -11.02
C THR A 601 -19.26 -1.59 -11.20
N SER A 602 -18.83 -2.78 -10.78
CA SER A 602 -17.46 -3.25 -10.98
C SER A 602 -17.47 -4.63 -11.60
N SER A 603 -16.43 -4.96 -12.35
CA SER A 603 -16.40 -6.28 -12.98
C SER A 603 -14.99 -6.83 -13.04
N ILE A 604 -14.90 -8.15 -13.04
CA ILE A 604 -13.63 -8.84 -13.02
C ILE A 604 -13.76 -10.15 -13.79
N THR A 605 -12.69 -10.53 -14.47
CA THR A 605 -12.66 -11.70 -15.35
C THR A 605 -11.54 -12.63 -14.91
N PHE A 606 -11.85 -13.92 -14.90
CA PHE A 606 -10.92 -14.96 -14.46
C PHE A 606 -11.34 -16.25 -15.12
N VAL A 607 -10.44 -17.23 -15.21
CA VAL A 607 -10.83 -18.51 -15.80
C VAL A 607 -11.06 -19.54 -14.70
N ALA A 608 -12.12 -20.31 -14.84
CA ALA A 608 -12.47 -21.33 -13.85
C ALA A 608 -11.68 -22.58 -14.22
N ASP A 609 -10.41 -22.59 -13.82
CA ASP A 609 -9.51 -23.66 -14.22
C ASP A 609 -9.52 -24.84 -13.26
N LYS A 610 -10.32 -24.82 -12.20
CA LYS A 610 -10.33 -25.88 -11.19
C LYS A 610 -11.72 -26.46 -11.06
N PRO A 611 -11.91 -27.75 -11.29
CA PRO A 611 -13.24 -28.34 -11.13
C PRO A 611 -13.63 -28.27 -9.66
N GLY A 612 -14.93 -28.39 -9.41
CA GLY A 612 -15.42 -28.53 -8.06
C GLY A 612 -16.16 -27.30 -7.58
N LEU A 613 -16.42 -27.30 -6.27
CA LEU A 613 -17.14 -26.21 -5.63
C LEU A 613 -16.14 -25.16 -5.17
N HIS A 614 -16.40 -23.89 -5.49
CA HIS A 614 -15.48 -22.82 -5.15
C HIS A 614 -16.25 -21.63 -4.61
N TRP A 615 -15.97 -21.29 -3.37
CA TRP A 615 -16.72 -20.26 -2.65
C TRP A 615 -16.29 -18.87 -3.07
N TYR A 616 -17.24 -17.93 -3.03
CA TYR A 616 -16.92 -16.52 -3.09
C TYR A 616 -17.59 -15.80 -1.93
N TYR A 617 -17.02 -14.66 -1.53
CA TYR A 617 -17.50 -13.98 -0.33
C TYR A 617 -17.28 -12.47 -0.42
N CYS A 618 -18.01 -11.74 0.42
CA CYS A 618 -17.87 -10.31 0.50
C CYS A 618 -16.72 -9.93 1.42
N SER A 619 -15.75 -9.16 0.91
CA SER A 619 -14.58 -8.82 1.68
C SER A 619 -14.72 -7.55 2.51
N TRP A 620 -15.72 -6.71 2.23
CA TRP A 620 -15.88 -5.43 2.91
C TRP A 620 -16.96 -5.58 3.98
N PHE A 621 -16.57 -5.43 5.25
CA PHE A 621 -17.54 -5.59 6.34
C PHE A 621 -18.69 -4.60 6.16
N CYS A 622 -19.91 -5.12 5.97
CA CYS A 622 -21.01 -4.32 5.43
C CYS A 622 -22.32 -4.43 6.21
N HIS A 623 -22.40 -5.30 7.21
CA HIS A 623 -23.66 -5.71 7.81
C HIS A 623 -23.30 -6.63 8.97
N ALA A 624 -24.24 -6.81 9.91
CA ALA A 624 -24.00 -7.78 10.98
C ALA A 624 -23.88 -9.19 10.43
N LEU A 625 -24.55 -9.48 9.31
CA LEU A 625 -24.46 -10.77 8.63
C LEU A 625 -23.44 -10.74 7.49
N HIS A 626 -22.43 -9.89 7.61
CA HIS A 626 -21.35 -9.81 6.63
C HIS A 626 -20.71 -11.17 6.37
N MET A 627 -20.42 -11.92 7.44
CA MET A 627 -19.66 -13.17 7.26
C MET A 627 -20.46 -14.20 6.48
N GLU A 628 -21.78 -14.09 6.50
CA GLU A 628 -22.65 -15.00 5.77
C GLU A 628 -23.00 -14.47 4.38
N MET A 629 -22.37 -13.38 3.93
CA MET A 629 -22.63 -12.84 2.60
C MET A 629 -21.68 -13.56 1.65
N VAL A 630 -22.11 -14.71 1.13
CA VAL A 630 -21.27 -15.63 0.37
C VAL A 630 -22.09 -16.22 -0.77
N GLY A 631 -21.40 -16.93 -1.66
CA GLY A 631 -22.03 -17.65 -2.76
C GLY A 631 -21.09 -18.75 -3.23
N ARG A 632 -21.58 -19.54 -4.18
CA ARG A 632 -20.85 -20.70 -4.67
C ARG A 632 -20.76 -20.70 -6.18
N MET A 633 -19.54 -20.85 -6.69
CA MET A 633 -19.31 -21.17 -8.09
C MET A 633 -19.10 -22.67 -8.22
N MET A 634 -19.93 -23.33 -9.01
CA MET A 634 -19.79 -24.76 -9.23
C MET A 634 -19.22 -24.99 -10.62
N VAL A 635 -18.11 -25.74 -10.70
CA VAL A 635 -17.34 -25.92 -11.91
C VAL A 635 -17.38 -27.39 -12.32
N GLU A 636 -18.07 -27.70 -13.40
CA GLU A 636 -18.20 -29.07 -13.86
C GLU A 636 -16.93 -29.53 -14.56
N PRO A 637 -16.41 -30.71 -14.26
CA PRO A 637 -15.14 -31.13 -14.87
C PRO A 637 -15.28 -31.29 -16.37
N ALA A 638 -14.15 -31.13 -17.04
CA ALA A 638 -14.07 -31.24 -18.50
C ALA A 638 -14.26 -32.70 -18.97
N GLN B 58 -1.48 9.09 31.45
CA GLN B 58 -0.83 8.25 30.45
C GLN B 58 -0.55 9.06 29.19
N LYS B 59 0.72 9.08 28.78
CA LYS B 59 1.13 9.90 27.65
C LYS B 59 0.42 9.49 26.37
N ILE B 60 -0.23 10.46 25.73
CA ILE B 60 -1.01 10.24 24.53
C ILE B 60 -0.28 10.68 23.28
N HIS B 61 0.49 11.77 23.35
CA HIS B 61 1.10 12.38 22.19
C HIS B 61 2.61 12.16 22.21
N VAL B 62 3.16 11.79 21.05
CA VAL B 62 4.59 11.54 20.91
C VAL B 62 5.14 12.66 20.04
N GLY B 63 5.86 13.58 20.66
CA GLY B 63 6.37 14.73 19.95
C GLY B 63 7.63 14.42 19.19
N PRO B 64 8.07 15.39 18.39
CA PRO B 64 9.31 15.19 17.61
C PRO B 64 10.47 14.79 18.50
N GLY B 65 11.19 13.76 18.06
CA GLY B 65 12.32 13.25 18.82
C GLY B 65 11.96 12.27 19.92
N GLU B 66 10.69 12.15 20.29
CA GLU B 66 10.27 11.13 21.23
C GLU B 66 9.84 9.87 20.48
N LEU B 67 9.96 8.72 21.14
CA LEU B 67 9.61 7.45 20.52
C LEU B 67 8.36 6.87 21.16
N ASP B 68 7.63 6.07 20.37
CA ASP B 68 6.49 5.34 20.89
C ASP B 68 6.94 4.30 21.91
N ASP B 69 5.98 3.84 22.73
CA ASP B 69 6.24 2.89 23.80
C ASP B 69 5.92 1.45 23.42
N TYR B 70 5.07 1.25 22.41
CA TYR B 70 4.70 -0.06 21.93
C TYR B 70 4.85 -0.11 20.41
N TYR B 71 5.16 -1.30 19.91
CA TYR B 71 4.94 -1.64 18.51
C TYR B 71 3.50 -2.11 18.34
N GLY B 72 2.86 -1.67 17.28
CA GLY B 72 1.58 -2.22 16.87
C GLY B 72 1.77 -2.95 15.55
N PHE B 73 1.17 -4.12 15.42
CA PHE B 73 1.18 -4.86 14.17
C PHE B 73 -0.26 -4.97 13.72
N TRP B 74 -0.59 -4.25 12.66
CA TRP B 74 -1.92 -4.23 12.10
C TRP B 74 -2.01 -5.21 10.93
N SER B 75 -3.11 -5.94 10.86
CA SER B 75 -3.37 -6.67 9.63
C SER B 75 -3.79 -5.70 8.53
N GLY B 76 -3.54 -6.10 7.29
CA GLY B 76 -3.92 -5.27 6.17
C GLY B 76 -5.28 -5.53 5.60
N GLY B 77 -6.03 -6.48 6.16
CA GLY B 77 -7.30 -6.80 5.56
C GLY B 77 -7.13 -7.26 4.12
N HIS B 78 -8.10 -6.91 3.27
CA HIS B 78 -8.00 -7.35 1.88
C HIS B 78 -6.99 -6.56 1.08
N GLN B 79 -6.24 -5.66 1.69
CA GLN B 79 -5.10 -5.09 0.98
C GLN B 79 -3.90 -6.03 0.99
N GLY B 80 -3.81 -6.93 1.97
CA GLY B 80 -2.92 -8.06 1.93
C GLY B 80 -1.57 -7.94 2.60
N GLU B 81 -1.22 -6.76 3.15
CA GLU B 81 0.06 -6.56 3.81
C GLU B 81 -0.08 -6.59 5.34
N VAL B 82 1.05 -6.47 6.02
CA VAL B 82 1.12 -6.24 7.45
C VAL B 82 1.72 -4.86 7.68
N ARG B 83 1.20 -4.13 8.66
CA ARG B 83 1.63 -2.77 8.92
C ARG B 83 2.17 -2.66 10.33
N VAL B 84 3.31 -1.98 10.47
CA VAL B 84 3.93 -1.75 11.78
C VAL B 84 3.62 -0.32 12.20
N LEU B 85 2.96 -0.16 13.34
CA LEU B 85 2.62 1.14 13.90
C LEU B 85 3.38 1.40 15.18
N GLY B 86 3.65 2.68 15.44
CA GLY B 86 4.06 3.12 16.75
C GLY B 86 2.83 3.43 17.57
N VAL B 87 2.80 2.93 18.81
CA VAL B 87 1.71 3.17 19.75
C VAL B 87 2.30 3.88 20.96
N PRO B 88 1.66 4.95 21.49
CA PRO B 88 0.32 5.47 21.18
C PRO B 88 0.18 6.48 20.04
N SER B 89 1.26 6.82 19.31
CA SER B 89 1.08 7.81 18.27
C SER B 89 0.17 7.31 17.14
N MET B 90 0.08 5.99 16.97
CA MET B 90 -0.71 5.34 15.92
C MET B 90 -0.21 5.69 14.52
N ARG B 91 1.05 6.12 14.43
CA ARG B 91 1.65 6.39 13.13
C ARG B 91 2.18 5.10 12.53
N GLU B 92 2.06 4.95 11.20
CA GLU B 92 2.56 3.76 10.55
C GLU B 92 4.05 3.91 10.29
N LEU B 93 4.85 3.01 10.85
CA LEU B 93 6.31 3.06 10.72
C LEU B 93 6.82 2.25 9.53
N MET B 94 6.11 1.19 9.13
CA MET B 94 6.59 0.34 8.06
C MET B 94 5.40 -0.44 7.50
N ARG B 95 5.51 -0.80 6.23
CA ARG B 95 4.62 -1.77 5.62
C ARG B 95 5.45 -3.01 5.27
N ILE B 96 4.92 -4.17 5.61
CA ILE B 96 5.58 -5.44 5.31
C ILE B 96 4.71 -6.16 4.28
N PRO B 97 5.12 -6.23 3.02
CA PRO B 97 4.31 -6.94 2.03
C PRO B 97 4.29 -8.43 2.33
N VAL B 98 3.11 -9.04 2.15
CA VAL B 98 2.93 -10.46 2.40
C VAL B 98 2.22 -11.09 1.20
N PHE B 99 0.93 -10.79 1.05
CA PHE B 99 0.17 -11.35 -0.06
C PHE B 99 -0.05 -10.34 -1.20
N ASN B 100 0.23 -9.07 -0.96
CA ASN B 100 0.20 -8.02 -1.98
C ASN B 100 1.50 -8.02 -2.76
N VAL B 101 1.47 -7.41 -3.95
CA VAL B 101 2.67 -7.15 -4.75
C VAL B 101 3.11 -5.72 -4.45
N ASP B 102 4.32 -5.56 -3.89
CA ASP B 102 4.82 -4.25 -3.50
C ASP B 102 5.81 -3.73 -4.53
N SER B 103 5.40 -2.70 -5.24
CA SER B 103 6.22 -1.98 -6.21
C SER B 103 7.50 -1.44 -5.58
N ALA B 104 7.46 -1.03 -4.31
CA ALA B 104 8.60 -0.33 -3.73
C ALA B 104 9.76 -1.26 -3.45
N THR B 105 9.53 -2.35 -2.70
CA THR B 105 10.58 -3.32 -2.38
C THR B 105 10.71 -4.41 -3.43
N GLY B 106 9.75 -4.51 -4.35
CA GLY B 106 9.71 -5.61 -5.30
C GLY B 106 9.19 -6.96 -4.79
N TRP B 107 8.59 -7.00 -3.60
CA TRP B 107 7.97 -8.24 -3.14
C TRP B 107 6.87 -8.68 -4.12
N GLY B 108 6.99 -9.93 -4.58
CA GLY B 108 6.13 -10.46 -5.62
C GLY B 108 6.73 -10.37 -7.01
N LEU B 109 7.77 -9.57 -7.18
CA LEU B 109 8.54 -9.43 -8.41
C LEU B 109 9.93 -10.07 -8.31
N THR B 110 10.63 -9.90 -7.20
CA THR B 110 11.97 -10.45 -7.00
C THR B 110 11.96 -11.98 -6.95
N ASN B 111 13.12 -12.58 -7.23
CA ASN B 111 13.21 -14.02 -7.14
C ASN B 111 13.11 -14.50 -5.69
N GLU B 112 13.66 -13.74 -4.74
CA GLU B 112 13.61 -14.17 -3.34
C GLU B 112 12.17 -14.28 -2.85
N SER B 113 11.34 -13.28 -3.17
CA SER B 113 9.95 -13.27 -2.70
C SER B 113 9.13 -14.34 -3.40
N ARG B 114 9.26 -14.45 -4.72
CA ARG B 114 8.48 -15.46 -5.44
C ARG B 114 8.88 -16.87 -5.01
N HIS B 115 10.16 -17.08 -4.64
CA HIS B 115 10.55 -18.35 -4.07
C HIS B 115 9.78 -18.63 -2.78
N ILE B 116 9.67 -17.64 -1.91
CA ILE B 116 8.95 -17.80 -0.64
C ILE B 116 7.47 -18.07 -0.89
N MET B 117 6.89 -17.38 -1.88
CA MET B 117 5.47 -17.54 -2.17
C MET B 117 5.17 -18.85 -2.92
N GLY B 118 6.15 -19.45 -3.57
CA GLY B 118 5.85 -20.68 -4.25
C GLY B 118 4.88 -20.44 -5.40
N ASP B 119 4.12 -21.48 -5.75
N ASP B 119 4.14 -21.48 -5.76
CA ASP B 119 3.17 -21.34 -6.85
CA ASP B 119 3.16 -21.36 -6.84
C ASP B 119 2.14 -20.24 -6.58
C ASP B 119 2.18 -20.21 -6.57
N SER B 120 1.87 -19.94 -5.30
CA SER B 120 0.93 -18.85 -5.00
C SER B 120 1.43 -17.47 -5.41
N ALA B 121 2.68 -17.37 -5.89
CA ALA B 121 3.18 -16.11 -6.43
C ALA B 121 2.38 -15.62 -7.64
N LYS B 122 1.60 -16.51 -8.27
CA LYS B 122 0.74 -16.09 -9.39
C LYS B 122 -0.42 -15.21 -8.94
N PHE B 123 -0.74 -15.17 -7.64
CA PHE B 123 -1.84 -14.37 -7.13
C PHE B 123 -1.33 -13.00 -6.73
N LEU B 124 -2.12 -11.96 -7.02
CA LEU B 124 -1.76 -10.59 -6.67
C LEU B 124 -2.53 -10.07 -5.46
N ASN B 125 -3.28 -10.94 -4.76
CA ASN B 125 -4.19 -10.48 -3.72
C ASN B 125 -4.10 -11.39 -2.51
N GLY B 126 -4.56 -10.86 -1.38
CA GLY B 126 -4.69 -11.63 -0.16
C GLY B 126 -5.76 -10.94 0.66
N ASP B 127 -6.11 -11.57 1.78
CA ASP B 127 -7.11 -11.01 2.69
C ASP B 127 -6.71 -11.48 4.08
N CYS B 128 -5.96 -10.64 4.82
CA CYS B 128 -5.44 -11.07 6.11
C CYS B 128 -6.11 -10.33 7.27
N HIS B 129 -6.24 -11.05 8.37
CA HIS B 129 -7.10 -10.67 9.49
C HIS B 129 -6.38 -10.71 10.82
N HIS B 130 -5.52 -11.70 11.05
CA HIS B 130 -5.09 -12.12 12.39
C HIS B 130 -3.57 -12.19 12.49
N PRO B 131 -2.89 -11.06 12.81
CA PRO B 131 -1.44 -11.11 13.04
C PRO B 131 -1.10 -11.47 14.47
N HIS B 132 -0.24 -12.46 14.70
CA HIS B 132 0.09 -12.86 16.06
C HIS B 132 1.56 -13.22 16.21
N ILE B 133 2.08 -12.94 17.39
CA ILE B 133 3.50 -13.05 17.70
C ILE B 133 3.77 -14.34 18.48
N SER B 134 4.85 -15.02 18.10
CA SER B 134 5.22 -16.28 18.74
C SER B 134 5.50 -16.08 20.23
N MET B 135 5.27 -17.14 21.00
CA MET B 135 5.32 -17.07 22.45
C MET B 135 6.19 -18.18 23.03
N THR B 136 6.75 -17.90 24.20
CA THR B 136 7.44 -18.88 25.02
C THR B 136 6.92 -18.70 26.44
N ASP B 137 6.40 -19.77 27.03
CA ASP B 137 5.86 -19.75 28.37
C ASP B 137 4.83 -18.63 28.56
N GLY B 138 3.92 -18.50 27.59
CA GLY B 138 2.82 -17.57 27.74
C GLY B 138 3.16 -16.11 27.57
N LYS B 139 4.34 -15.80 27.05
CA LYS B 139 4.82 -14.43 26.83
C LYS B 139 5.38 -14.32 25.44
N TYR B 140 5.28 -13.12 24.86
CA TYR B 140 5.89 -12.87 23.55
C TYR B 140 7.39 -13.11 23.61
N ASP B 141 7.94 -13.79 22.62
CA ASP B 141 9.39 -13.91 22.50
C ASP B 141 9.95 -13.12 21.33
N GLY B 142 9.10 -12.53 20.49
CA GLY B 142 9.55 -11.61 19.47
C GLY B 142 10.23 -12.24 18.27
N LYS B 143 10.14 -13.55 18.11
CA LYS B 143 10.81 -14.21 16.99
C LYS B 143 10.02 -14.03 15.69
N TYR B 144 8.76 -14.44 15.67
CA TYR B 144 7.96 -14.49 14.46
C TYR B 144 6.61 -13.83 14.67
N LEU B 145 6.05 -13.34 13.55
CA LEU B 145 4.64 -12.97 13.46
C LEU B 145 4.01 -13.84 12.37
N PHE B 146 2.84 -14.40 12.65
CA PHE B 146 2.10 -15.19 11.67
C PHE B 146 0.80 -14.49 11.30
N ILE B 147 0.34 -14.72 10.07
CA ILE B 147 -0.92 -14.13 9.63
C ILE B 147 -1.55 -15.03 8.56
N ASN B 148 -2.87 -14.97 8.45
CA ASN B 148 -3.70 -15.76 7.55
C ASN B 148 -3.93 -15.06 6.22
N ASP B 149 -4.34 -15.85 5.23
CA ASP B 149 -4.89 -15.34 3.97
C ASP B 149 -6.20 -16.07 3.70
N LYS B 150 -7.32 -15.37 3.88
CA LYS B 150 -8.62 -15.97 3.58
C LYS B 150 -8.85 -16.08 2.08
N ALA B 151 -8.30 -15.15 1.29
CA ALA B 151 -8.60 -15.12 -0.15
C ALA B 151 -8.03 -16.34 -0.87
N ASN B 152 -6.76 -16.67 -0.62
CA ASN B 152 -6.13 -17.80 -1.29
C ASN B 152 -5.57 -18.85 -0.34
N SER B 153 -6.15 -18.95 0.87
CA SER B 153 -5.98 -20.12 1.75
C SER B 153 -4.52 -20.35 2.14
N ARG B 154 -3.88 -19.30 2.70
CA ARG B 154 -2.48 -19.39 3.05
C ARG B 154 -2.25 -18.94 4.49
N VAL B 155 -1.09 -19.33 5.01
CA VAL B 155 -0.52 -18.78 6.23
C VAL B 155 0.86 -18.27 5.89
N ALA B 156 1.22 -17.12 6.45
CA ALA B 156 2.53 -16.51 6.23
C ALA B 156 3.23 -16.30 7.56
N ARG B 157 4.56 -16.42 7.52
CA ARG B 157 5.40 -16.13 8.67
C ARG B 157 6.27 -14.91 8.35
N ILE B 158 6.32 -13.98 9.30
CA ILE B 158 7.16 -12.80 9.22
C ILE B 158 8.24 -12.91 10.30
N ARG B 159 9.50 -12.70 9.91
CA ARG B 159 10.60 -12.67 10.86
C ARG B 159 10.74 -11.26 11.40
N LEU B 160 10.65 -11.13 12.72
CA LEU B 160 10.61 -9.80 13.31
C LEU B 160 11.98 -9.12 13.34
N ASP B 161 13.08 -9.87 13.20
CA ASP B 161 14.38 -9.21 13.19
C ASP B 161 14.62 -8.46 11.87
N ILE B 162 14.13 -8.97 10.74
CA ILE B 162 14.28 -8.28 9.46
C ILE B 162 12.98 -7.63 8.99
N MET B 163 11.85 -7.89 9.67
CA MET B 163 10.54 -7.34 9.30
C MET B 163 10.21 -7.64 7.84
N LYS B 164 10.33 -8.93 7.48
CA LYS B 164 9.96 -9.43 6.16
C LYS B 164 9.27 -10.78 6.32
N CYS B 165 8.33 -11.05 5.43
CA CYS B 165 7.80 -12.39 5.31
C CYS B 165 8.92 -13.31 4.83
N ASP B 166 9.15 -14.39 5.55
CA ASP B 166 10.22 -15.32 5.18
C ASP B 166 9.73 -16.72 4.84
N LYS B 167 8.46 -17.04 5.10
CA LYS B 167 7.87 -18.34 4.78
C LYS B 167 6.41 -18.14 4.45
N MET B 168 5.89 -19.01 3.58
CA MET B 168 4.48 -18.98 3.21
C MET B 168 4.05 -20.39 2.83
N ILE B 169 2.79 -20.75 3.13
CA ILE B 169 2.28 -22.08 2.84
C ILE B 169 0.82 -21.97 2.41
N THR B 170 0.47 -22.67 1.34
CA THR B 170 -0.92 -22.86 0.95
C THR B 170 -1.44 -24.08 1.71
N VAL B 171 -2.44 -23.88 2.56
CA VAL B 171 -2.95 -25.01 3.36
C VAL B 171 -3.67 -25.99 2.45
N PRO B 172 -3.31 -27.27 2.45
CA PRO B 172 -3.87 -28.20 1.46
C PRO B 172 -5.30 -28.63 1.79
N ASN B 173 -6.06 -28.87 0.74
CA ASN B 173 -7.39 -29.50 0.82
C ASN B 173 -8.37 -28.70 1.65
N VAL B 174 -8.28 -27.36 1.61
CA VAL B 174 -9.18 -26.46 2.32
C VAL B 174 -9.46 -25.22 1.48
N GLN B 175 -10.49 -24.47 1.86
CA GLN B 175 -10.75 -23.16 1.29
C GLN B 175 -10.95 -22.15 2.41
N ALA B 176 -10.16 -21.07 2.35
CA ALA B 176 -10.31 -19.83 3.14
C ALA B 176 -9.81 -19.99 4.56
N ILE B 177 -8.55 -19.61 4.79
CA ILE B 177 -7.98 -19.63 6.13
C ILE B 177 -8.44 -18.37 6.85
N ALA B 178 -9.31 -18.54 7.84
CA ALA B 178 -9.85 -17.43 8.61
C ALA B 178 -9.11 -17.32 9.94
N GLY B 179 -9.75 -17.73 11.03
CA GLY B 179 -9.15 -17.66 12.34
C GLY B 179 -7.76 -18.27 12.40
N LEU B 180 -6.86 -17.59 13.12
CA LEU B 180 -5.49 -18.05 13.31
C LEU B 180 -5.02 -17.59 14.68
N ARG B 181 -4.39 -18.50 15.42
CA ARG B 181 -3.88 -18.22 16.75
C ARG B 181 -2.71 -19.16 17.00
N LEU B 182 -1.85 -18.77 17.92
CA LEU B 182 -0.62 -19.49 18.21
C LEU B 182 -0.73 -20.22 19.54
N GLN B 183 -0.14 -21.42 19.59
CA GLN B 183 0.04 -22.10 20.86
C GLN B 183 0.83 -21.20 21.80
N LYS B 184 0.40 -21.15 23.07
CA LYS B 184 1.00 -20.26 24.06
C LYS B 184 2.04 -20.95 24.94
N VAL B 185 1.82 -22.21 25.28
CA VAL B 185 2.62 -22.93 26.27
C VAL B 185 2.87 -24.33 25.74
N PRO B 186 4.07 -24.88 25.95
CA PRO B 186 5.20 -24.21 26.59
C PRO B 186 5.87 -23.15 25.69
N HIS B 187 5.53 -23.19 24.41
CA HIS B 187 5.95 -22.19 23.42
C HIS B 187 5.09 -22.41 22.18
N THR B 188 5.29 -21.54 21.18
CA THR B 188 4.56 -21.65 19.92
C THR B 188 5.16 -22.78 19.11
N LYS B 189 4.75 -24.00 19.44
CA LYS B 189 5.10 -25.13 18.57
C LYS B 189 4.21 -25.15 17.34
N TYR B 190 2.90 -24.96 17.53
CA TYR B 190 1.90 -24.97 16.47
C TYR B 190 1.33 -23.60 16.21
N VAL B 191 1.05 -23.33 14.93
CA VAL B 191 0.14 -22.30 14.49
C VAL B 191 -1.18 -22.97 14.16
N PHE B 192 -2.25 -22.50 14.81
CA PHE B 192 -3.58 -23.06 14.61
C PHE B 192 -4.35 -22.17 13.64
N ALA B 193 -4.98 -22.77 12.63
CA ALA B 193 -5.66 -22.00 11.60
C ALA B 193 -6.95 -22.68 11.17
N ASN B 194 -8.01 -21.88 11.06
CA ASN B 194 -9.34 -22.34 10.65
C ASN B 194 -9.52 -22.23 9.14
N ALA B 195 -10.09 -23.27 8.53
CA ALA B 195 -10.62 -23.19 7.17
C ALA B 195 -12.13 -22.95 7.26
N GLU B 196 -12.60 -21.83 6.73
CA GLU B 196 -13.95 -21.37 7.04
C GLU B 196 -15.04 -22.12 6.28
N PHE B 197 -14.78 -22.59 5.06
CA PHE B 197 -15.84 -23.02 4.15
C PHE B 197 -15.85 -24.53 3.94
N ILE B 198 -17.04 -25.13 4.01
CA ILE B 198 -17.22 -26.57 3.76
C ILE B 198 -17.04 -26.88 2.28
N ILE B 199 -16.21 -27.86 1.96
CA ILE B 199 -16.05 -28.27 0.56
C ILE B 199 -16.08 -29.79 0.44
N PRO B 200 -16.40 -30.29 -0.76
CA PRO B 200 -16.34 -31.74 -1.02
C PRO B 200 -14.92 -32.28 -1.00
N HIS B 201 -14.80 -33.56 -0.67
CA HIS B 201 -13.51 -34.25 -0.67
C HIS B 201 -13.70 -35.60 -1.34
N PRO B 202 -13.15 -35.82 -2.54
CA PRO B 202 -12.37 -34.80 -3.23
C PRO B 202 -13.26 -33.71 -3.80
N ASN B 203 -12.67 -32.58 -4.16
CA ASN B 203 -13.44 -31.50 -4.76
C ASN B 203 -13.22 -31.53 -6.27
N ASP B 204 -13.72 -32.61 -6.89
CA ASP B 204 -13.44 -32.87 -8.30
C ASP B 204 -14.62 -32.55 -9.22
N GLY B 205 -15.69 -31.96 -8.69
CA GLY B 205 -16.81 -31.57 -9.52
C GLY B 205 -17.84 -32.66 -9.74
N LYS B 206 -17.67 -33.82 -9.10
CA LYS B 206 -18.71 -34.84 -9.13
C LYS B 206 -19.79 -34.57 -8.09
N VAL B 207 -19.39 -34.08 -6.91
CA VAL B 207 -20.31 -33.81 -5.81
C VAL B 207 -20.15 -32.35 -5.42
N PHE B 208 -21.28 -31.64 -5.30
CA PHE B 208 -21.28 -30.26 -4.81
C PHE B 208 -21.99 -30.10 -3.47
N ASP B 209 -22.69 -31.13 -3.01
CA ASP B 209 -23.61 -31.02 -1.87
C ASP B 209 -22.83 -30.91 -0.56
N LEU B 210 -23.12 -29.85 0.21
CA LEU B 210 -22.44 -29.69 1.50
C LEU B 210 -22.88 -30.74 2.51
N GLN B 211 -24.00 -31.42 2.26
CA GLN B 211 -24.52 -32.45 3.14
C GLN B 211 -23.92 -33.82 2.86
N ASP B 212 -23.18 -33.98 1.76
CA ASP B 212 -22.53 -35.24 1.49
C ASP B 212 -21.61 -35.62 2.64
N GLU B 213 -21.49 -36.92 2.89
CA GLU B 213 -20.70 -37.36 4.03
C GLU B 213 -19.21 -37.03 3.85
N ASN B 214 -18.77 -36.73 2.64
CA ASN B 214 -17.39 -36.33 2.43
C ASN B 214 -17.22 -34.83 2.20
N SER B 215 -18.25 -34.03 2.43
CA SER B 215 -18.12 -32.57 2.42
C SER B 215 -17.90 -32.09 3.85
N TYR B 216 -16.83 -31.34 4.07
CA TYR B 216 -16.48 -30.85 5.41
C TYR B 216 -15.36 -29.82 5.27
N THR B 217 -15.06 -29.13 6.38
CA THR B 217 -13.84 -28.34 6.50
C THR B 217 -12.99 -28.93 7.63
N MET B 218 -11.77 -28.42 7.79
CA MET B 218 -10.83 -28.97 8.76
C MET B 218 -10.15 -27.86 9.55
N TYR B 219 -9.77 -28.19 10.77
CA TYR B 219 -8.89 -27.37 11.60
C TYR B 219 -7.45 -27.72 11.27
N ASN B 220 -6.58 -26.71 11.26
CA ASN B 220 -5.24 -26.89 10.69
C ASN B 220 -4.18 -26.52 11.70
N ALA B 221 -3.16 -27.37 11.83
CA ALA B 221 -2.01 -27.11 12.67
C ALA B 221 -0.77 -27.08 11.80
N ILE B 222 -0.06 -25.95 11.82
CA ILE B 222 1.19 -25.76 11.09
C ILE B 222 2.34 -25.73 12.09
N ASP B 223 3.43 -26.41 11.75
CA ASP B 223 4.65 -26.33 12.56
C ASP B 223 5.26 -24.94 12.43
N ALA B 224 5.29 -24.20 13.54
CA ALA B 224 5.70 -22.80 13.47
C ALA B 224 7.12 -22.64 12.93
N GLU B 225 8.00 -23.58 13.27
CA GLU B 225 9.41 -23.46 12.90
C GLU B 225 9.67 -23.93 11.47
N THR B 226 9.05 -25.02 11.06
CA THR B 226 9.28 -25.49 9.70
C THR B 226 8.31 -24.90 8.69
N MET B 227 7.17 -24.36 9.15
CA MET B 227 6.13 -23.84 8.27
C MET B 227 5.70 -24.89 7.25
N GLU B 228 5.68 -26.14 7.71
CA GLU B 228 5.01 -27.24 7.03
C GLU B 228 3.80 -27.68 7.86
N MET B 229 2.82 -28.28 7.18
CA MET B 229 1.67 -28.83 7.88
C MET B 229 2.11 -29.83 8.94
N ALA B 230 1.46 -29.74 10.11
CA ALA B 230 1.62 -30.77 11.13
C ALA B 230 0.46 -31.76 11.14
N PHE B 231 -0.78 -31.26 11.06
CA PHE B 231 -1.93 -32.15 11.03
C PHE B 231 -3.17 -31.33 10.72
N GLN B 232 -4.24 -32.05 10.42
CA GLN B 232 -5.54 -31.44 10.19
C GLN B 232 -6.57 -32.31 10.87
N VAL B 233 -7.64 -31.68 11.37
CA VAL B 233 -8.72 -32.36 12.07
C VAL B 233 -10.02 -32.03 11.35
N ILE B 234 -10.68 -33.06 10.80
CA ILE B 234 -12.01 -32.88 10.24
C ILE B 234 -12.98 -32.55 11.36
N VAL B 235 -13.85 -31.56 11.11
CA VAL B 235 -14.84 -31.14 12.09
C VAL B 235 -16.21 -31.17 11.44
N ASP B 236 -17.23 -31.27 12.28
CA ASP B 236 -18.59 -30.92 11.87
C ASP B 236 -18.71 -29.41 11.73
N GLY B 237 -19.80 -28.97 11.12
CA GLY B 237 -20.02 -27.54 10.99
C GLY B 237 -18.89 -26.87 10.21
N ASN B 238 -18.53 -25.66 10.64
CA ASN B 238 -17.41 -24.96 10.03
C ASN B 238 -16.62 -24.27 11.14
N LEU B 239 -15.70 -23.38 10.74
CA LEU B 239 -14.75 -22.78 11.65
C LEU B 239 -14.67 -21.28 11.39
N ASP B 240 -14.53 -20.49 12.47
CA ASP B 240 -14.52 -19.05 12.35
C ASP B 240 -13.25 -18.49 12.98
N ASN B 241 -13.27 -18.23 14.29
CA ASN B 241 -12.09 -17.81 15.04
C ASN B 241 -11.61 -18.95 15.95
N THR B 242 -10.41 -18.77 16.53
CA THR B 242 -9.83 -19.82 17.36
C THR B 242 -8.83 -19.22 18.36
N ASP B 243 -8.62 -19.93 19.46
CA ASP B 243 -7.56 -19.57 20.40
C ASP B 243 -7.07 -20.84 21.10
N ALA B 244 -6.04 -20.69 21.93
CA ALA B 244 -5.37 -21.80 22.58
C ALA B 244 -5.23 -21.49 24.06
N ASP B 245 -5.11 -22.54 24.86
CA ASP B 245 -5.06 -22.39 26.31
C ASP B 245 -3.63 -22.03 26.73
N TYR B 246 -3.41 -21.99 28.04
CA TYR B 246 -2.10 -21.76 28.63
C TYR B 246 -1.48 -23.05 29.18
N THR B 247 -1.84 -24.20 28.61
CA THR B 247 -1.22 -25.46 28.97
C THR B 247 -0.61 -26.20 27.79
N GLY B 248 -1.10 -25.96 26.57
CA GLY B 248 -0.67 -26.68 25.41
C GLY B 248 -1.56 -27.84 25.02
N ARG B 249 -2.45 -28.25 25.93
CA ARG B 249 -3.30 -29.39 25.63
C ARG B 249 -4.51 -29.01 24.75
N PHE B 250 -5.15 -27.87 25.01
CA PHE B 250 -6.44 -27.55 24.41
C PHE B 250 -6.37 -26.35 23.49
N ALA B 251 -7.12 -26.44 22.39
CA ALA B 251 -7.45 -25.30 21.55
C ALA B 251 -8.95 -25.31 21.29
N ALA B 252 -9.47 -24.18 20.82
CA ALA B 252 -10.91 -24.07 20.64
C ALA B 252 -11.20 -23.18 19.44
N ALA B 253 -12.36 -23.41 18.82
CA ALA B 253 -12.77 -22.61 17.67
C ALA B 253 -14.29 -22.43 17.70
N THR B 254 -14.75 -21.29 17.22
CA THR B 254 -16.18 -21.06 17.06
C THR B 254 -16.65 -21.60 15.72
N CYS B 255 -17.92 -22.01 15.69
CA CYS B 255 -18.60 -22.47 14.49
C CYS B 255 -19.91 -21.70 14.33
N TYR B 256 -20.19 -21.19 13.13
CA TYR B 256 -21.47 -20.56 12.85
C TYR B 256 -22.32 -21.30 11.83
N ASN B 257 -21.78 -22.32 11.17
CA ASN B 257 -22.54 -23.04 10.16
C ASN B 257 -22.69 -24.51 10.57
N SER B 258 -23.17 -24.75 11.78
CA SER B 258 -23.46 -26.11 12.21
C SER B 258 -24.49 -26.76 11.29
N GLU B 259 -25.26 -25.95 10.58
CA GLU B 259 -26.29 -26.37 9.64
C GLU B 259 -25.73 -26.88 8.32
N LYS B 260 -24.45 -26.61 8.04
CA LYS B 260 -23.85 -26.94 6.74
C LYS B 260 -24.72 -26.46 5.58
N ALA B 261 -25.22 -25.23 5.71
CA ALA B 261 -26.04 -24.61 4.69
C ALA B 261 -25.20 -23.72 3.79
N PHE B 262 -25.82 -23.22 2.71
CA PHE B 262 -25.19 -22.21 1.87
C PHE B 262 -25.98 -20.92 1.77
N ASP B 263 -27.18 -20.85 2.34
CA ASP B 263 -28.00 -19.66 2.29
C ASP B 263 -28.02 -18.99 3.66
N LEU B 264 -28.41 -17.72 3.66
CA LEU B 264 -28.42 -16.95 4.90
C LEU B 264 -29.36 -17.57 5.93
N GLY B 265 -30.57 -17.92 5.51
CA GLY B 265 -31.51 -18.53 6.45
C GLY B 265 -31.00 -19.83 7.01
N GLY B 266 -30.48 -20.70 6.14
CA GLY B 266 -29.98 -21.98 6.62
C GLY B 266 -28.90 -21.79 7.66
N MET B 267 -27.96 -20.87 7.40
CA MET B 267 -26.85 -20.65 8.33
C MET B 267 -27.31 -20.11 9.67
N MET B 268 -28.48 -19.48 9.72
CA MET B 268 -29.01 -18.90 10.96
C MET B 268 -30.04 -19.79 11.63
N ARG B 269 -30.27 -20.99 11.10
CA ARG B 269 -31.41 -21.79 11.56
C ARG B 269 -31.26 -22.17 13.03
N ASN B 270 -30.18 -22.87 13.38
CA ASN B 270 -30.05 -23.42 14.74
C ASN B 270 -29.96 -22.30 15.78
N GLU B 271 -30.61 -22.52 16.93
CA GLU B 271 -30.49 -21.56 18.02
C GLU B 271 -29.07 -21.54 18.59
N ARG B 272 -28.40 -22.68 18.63
CA ARG B 272 -27.01 -22.74 19.06
C ARG B 272 -26.19 -23.41 17.99
N ASP B 273 -25.00 -22.87 17.76
CA ASP B 273 -23.99 -23.66 17.09
C ASP B 273 -23.09 -24.21 18.17
N TRP B 274 -21.80 -23.99 18.08
CA TRP B 274 -20.93 -24.50 19.14
C TRP B 274 -19.56 -23.86 19.02
N VAL B 275 -18.78 -24.03 20.07
CA VAL B 275 -17.33 -23.99 19.96
C VAL B 275 -16.82 -25.42 20.10
N VAL B 276 -16.03 -25.85 19.12
CA VAL B 276 -15.37 -27.15 19.14
C VAL B 276 -14.07 -27.00 19.88
N VAL B 277 -13.86 -27.85 20.88
CA VAL B 277 -12.61 -27.89 21.64
C VAL B 277 -11.79 -29.06 21.12
N PHE B 278 -10.48 -28.85 21.01
CA PHE B 278 -9.54 -29.83 20.49
C PHE B 278 -8.62 -30.31 21.61
N ASP B 279 -8.48 -31.63 21.72
CA ASP B 279 -7.46 -32.21 22.61
C ASP B 279 -6.22 -32.48 21.77
N ILE B 280 -5.34 -31.49 21.74
CA ILE B 280 -4.13 -31.58 20.93
C ILE B 280 -3.27 -32.78 21.35
N HIS B 281 -3.22 -33.08 22.67
CA HIS B 281 -2.46 -34.24 23.13
C HIS B 281 -2.98 -35.51 22.51
N ALA B 282 -4.30 -35.65 22.39
CA ALA B 282 -4.87 -36.83 21.77
C ALA B 282 -4.55 -36.86 20.28
N VAL B 283 -4.57 -35.70 19.62
CA VAL B 283 -4.20 -35.63 18.21
C VAL B 283 -2.76 -36.09 18.01
N GLU B 284 -1.83 -35.48 18.76
CA GLU B 284 -0.42 -35.87 18.68
C GLU B 284 -0.24 -37.37 18.90
N ALA B 285 -0.91 -37.91 19.93
CA ALA B 285 -0.77 -39.33 20.22
C ALA B 285 -1.31 -40.18 19.08
N ALA B 286 -2.41 -39.74 18.46
CA ALA B 286 -2.93 -40.48 17.32
C ALA B 286 -1.98 -40.40 16.13
N VAL B 287 -1.30 -39.27 15.97
CA VAL B 287 -0.37 -39.12 14.84
C VAL B 287 0.82 -40.03 15.04
N LYS B 288 1.49 -39.94 16.20
CA LYS B 288 2.61 -40.83 16.48
C LYS B 288 2.21 -42.30 16.38
N ALA B 289 0.97 -42.63 16.71
CA ALA B 289 0.49 -44.00 16.56
C ALA B 289 0.21 -44.38 15.12
N GLY B 290 0.31 -43.44 14.18
CA GLY B 290 -0.01 -43.72 12.81
C GLY B 290 -1.49 -43.82 12.51
N ASP B 291 -2.35 -43.53 13.48
CA ASP B 291 -3.79 -43.63 13.30
C ASP B 291 -4.31 -42.37 12.63
N PHE B 292 -4.16 -42.31 11.30
CA PHE B 292 -4.65 -41.18 10.53
C PHE B 292 -4.74 -41.56 9.07
N ILE B 293 -5.39 -40.69 8.30
CA ILE B 293 -5.51 -40.84 6.85
C ILE B 293 -4.86 -39.63 6.19
N THR B 294 -4.74 -39.69 4.87
CA THR B 294 -4.27 -38.56 4.07
C THR B 294 -5.28 -38.29 2.97
N LEU B 295 -5.28 -37.06 2.47
CA LEU B 295 -6.20 -36.61 1.45
C LEU B 295 -5.45 -36.23 0.18
N GLY B 296 -5.90 -36.75 -0.95
CA GLY B 296 -5.29 -36.40 -2.22
C GLY B 296 -3.79 -36.67 -2.21
N ASP B 297 -3.05 -35.72 -2.77
CA ASP B 297 -1.59 -35.82 -2.86
C ASP B 297 -0.88 -35.29 -1.63
N SER B 298 -1.62 -34.76 -0.66
CA SER B 298 -1.02 -34.24 0.56
C SER B 298 -0.68 -35.36 1.52
N LYS B 299 0.50 -35.28 2.11
CA LYS B 299 0.95 -36.23 3.10
C LYS B 299 0.58 -35.82 4.53
N THR B 300 -0.17 -34.74 4.68
CA THR B 300 -0.51 -34.24 6.00
C THR B 300 -1.37 -35.26 6.75
N PRO B 301 -1.04 -35.61 7.98
CA PRO B 301 -1.93 -36.47 8.77
C PRO B 301 -3.28 -35.81 8.98
N VAL B 302 -4.34 -36.53 8.62
CA VAL B 302 -5.71 -36.06 8.77
C VAL B 302 -6.43 -36.93 9.79
N LEU B 303 -6.93 -36.32 10.85
CA LEU B 303 -7.69 -37.02 11.88
C LEU B 303 -9.16 -36.60 11.84
N ASP B 304 -10.05 -37.54 12.17
CA ASP B 304 -11.49 -37.31 12.04
C ASP B 304 -12.09 -36.88 13.39
N GLY B 305 -12.40 -35.59 13.50
CA GLY B 305 -12.97 -35.04 14.71
C GLY B 305 -14.47 -34.80 14.66
N ARG B 306 -15.14 -35.39 13.67
CA ARG B 306 -16.59 -35.36 13.62
C ARG B 306 -17.22 -36.34 14.62
N LYS B 307 -18.45 -36.06 15.00
CA LYS B 307 -19.22 -37.06 15.73
C LYS B 307 -19.63 -38.19 14.78
N LYS B 308 -19.85 -39.35 15.36
CA LYS B 308 -20.24 -40.56 14.64
C LYS B 308 -21.48 -41.07 15.36
N ASP B 309 -22.66 -40.84 14.77
CA ASP B 309 -23.90 -41.31 15.36
C ASP B 309 -24.05 -40.81 16.80
N GLY B 310 -23.75 -39.53 17.01
CA GLY B 310 -23.86 -38.94 18.34
C GLY B 310 -22.74 -39.27 19.29
N LYS B 311 -21.82 -40.16 18.92
CA LYS B 311 -20.66 -40.48 19.73
C LYS B 311 -19.48 -39.57 19.36
N ASP B 312 -18.80 -39.07 20.39
CA ASP B 312 -17.68 -38.14 20.21
C ASP B 312 -16.44 -38.87 19.72
N SER B 313 -15.60 -38.14 18.99
CA SER B 313 -14.27 -38.64 18.69
C SER B 313 -13.35 -38.39 19.89
N LYS B 314 -12.17 -39.01 19.85
CA LYS B 314 -11.16 -38.75 20.88
C LYS B 314 -10.59 -37.33 20.79
N PHE B 315 -10.74 -36.67 19.64
CA PHE B 315 -10.01 -35.44 19.39
C PHE B 315 -10.81 -34.18 19.69
N THR B 316 -12.13 -34.25 19.76
CA THR B 316 -12.95 -33.05 19.81
C THR B 316 -14.09 -33.21 20.81
N ARG B 317 -14.55 -32.08 21.33
CA ARG B 317 -15.82 -31.98 22.02
C ARG B 317 -16.52 -30.73 21.51
N TYR B 318 -17.84 -30.80 21.39
CA TYR B 318 -18.65 -29.72 20.87
C TYR B 318 -19.49 -29.13 21.99
N VAL B 319 -19.27 -27.86 22.30
CA VAL B 319 -19.97 -27.17 23.38
C VAL B 319 -21.01 -26.25 22.75
N PRO B 320 -22.31 -26.52 22.93
CA PRO B 320 -23.33 -25.68 22.28
C PRO B 320 -23.27 -24.23 22.73
N VAL B 321 -23.25 -23.33 21.76
CA VAL B 321 -23.06 -21.90 22.01
C VAL B 321 -23.89 -21.09 21.03
N PRO B 322 -24.72 -20.16 21.50
CA PRO B 322 -25.45 -19.25 20.61
C PRO B 322 -24.67 -17.97 20.31
N LYS B 323 -24.95 -17.39 19.15
CA LYS B 323 -25.66 -18.00 18.03
C LYS B 323 -24.98 -17.44 16.78
N ASN B 324 -24.44 -18.33 15.95
CA ASN B 324 -23.46 -17.96 14.94
C ASN B 324 -22.33 -17.18 15.61
N PRO B 325 -21.77 -17.71 16.72
CA PRO B 325 -20.74 -16.97 17.47
C PRO B 325 -19.50 -16.70 16.63
N HIS B 326 -18.72 -15.71 17.06
CA HIS B 326 -17.61 -15.24 16.25
C HIS B 326 -16.31 -15.30 17.02
N GLY B 327 -16.03 -14.26 17.80
CA GLY B 327 -14.79 -14.23 18.57
C GLY B 327 -14.64 -15.44 19.47
N CYS B 328 -13.39 -15.88 19.62
CA CYS B 328 -13.01 -17.01 20.46
C CYS B 328 -11.72 -16.60 21.16
N ASN B 329 -11.81 -16.20 22.43
CA ASN B 329 -10.71 -15.49 23.09
C ASN B 329 -10.35 -16.13 24.43
N THR B 330 -9.09 -16.53 24.57
CA THR B 330 -8.56 -17.06 25.83
C THR B 330 -8.24 -15.91 26.78
N SER B 331 -8.83 -15.93 27.98
CA SER B 331 -8.52 -14.91 28.96
C SER B 331 -7.05 -15.02 29.38
N SER B 332 -6.47 -13.88 29.75
CA SER B 332 -5.03 -13.81 30.03
C SER B 332 -4.64 -14.59 31.28
N ASP B 333 -5.56 -14.84 32.20
CA ASP B 333 -5.29 -15.68 33.36
C ASP B 333 -5.45 -17.17 33.05
N GLY B 334 -5.69 -17.50 31.77
CA GLY B 334 -5.83 -18.88 31.35
C GLY B 334 -7.09 -19.59 31.79
N LYS B 335 -8.05 -18.87 32.38
CA LYS B 335 -9.23 -19.53 32.94
C LYS B 335 -10.24 -19.94 31.87
N TYR B 336 -10.44 -19.10 30.86
CA TYR B 336 -11.61 -19.23 30.01
C TYR B 336 -11.27 -19.08 28.54
N PHE B 337 -11.95 -19.89 27.72
CA PHE B 337 -12.26 -19.53 26.34
C PHE B 337 -13.56 -18.74 26.35
N ILE B 338 -13.57 -17.54 25.80
CA ILE B 338 -14.76 -16.70 25.81
C ILE B 338 -15.25 -16.51 24.37
N ALA B 339 -16.46 -16.98 24.09
CA ALA B 339 -17.01 -16.96 22.74
C ALA B 339 -18.02 -15.83 22.62
N ALA B 340 -17.86 -14.98 21.59
CA ALA B 340 -18.79 -13.87 21.39
C ALA B 340 -20.01 -14.34 20.61
N GLY B 341 -21.19 -14.06 21.15
CA GLY B 341 -22.43 -14.67 20.68
C GLY B 341 -23.04 -14.12 19.40
N LYS B 342 -22.56 -12.95 18.94
CA LYS B 342 -23.00 -12.26 17.72
C LYS B 342 -24.52 -12.11 17.61
N LEU B 343 -25.22 -13.10 17.06
CA LEU B 343 -26.67 -13.03 16.95
C LEU B 343 -27.36 -13.26 18.29
N SER B 344 -26.66 -13.83 19.24
CA SER B 344 -27.05 -13.91 20.64
C SER B 344 -26.39 -12.76 21.39
N PRO B 345 -27.12 -12.00 22.22
CA PRO B 345 -26.53 -10.80 22.85
C PRO B 345 -25.64 -11.15 24.03
N THR B 346 -24.83 -12.18 23.87
CA THR B 346 -24.12 -12.78 24.99
C THR B 346 -22.69 -13.14 24.60
N CYS B 347 -21.89 -13.41 25.61
CA CYS B 347 -20.67 -14.18 25.48
C CYS B 347 -20.83 -15.44 26.33
N SER B 348 -20.20 -16.52 25.89
CA SER B 348 -20.25 -17.80 26.60
C SER B 348 -18.86 -18.16 27.07
N MET B 349 -18.73 -18.44 28.37
CA MET B 349 -17.44 -18.65 29.01
C MET B 349 -17.22 -20.14 29.27
N ILE B 350 -16.25 -20.73 28.59
CA ILE B 350 -15.89 -22.14 28.77
C ILE B 350 -14.73 -22.22 29.77
N ALA B 351 -14.99 -22.86 30.91
CA ALA B 351 -13.98 -23.02 31.95
C ALA B 351 -12.94 -24.06 31.52
N ILE B 352 -11.73 -23.59 31.21
CA ILE B 352 -10.69 -24.48 30.68
C ILE B 352 -10.33 -25.59 31.67
N ASP B 353 -10.41 -25.32 32.96
CA ASP B 353 -10.06 -26.38 33.91
C ASP B 353 -11.13 -27.46 34.02
N LYS B 354 -12.29 -27.26 33.39
CA LYS B 354 -13.29 -28.31 33.30
C LYS B 354 -13.12 -29.18 32.05
N LEU B 355 -12.29 -28.74 31.11
CA LEU B 355 -12.10 -29.49 29.87
C LEU B 355 -11.58 -30.91 30.12
N PRO B 356 -10.58 -31.14 30.98
CA PRO B 356 -10.12 -32.52 31.19
C PRO B 356 -11.26 -33.44 31.57
N ASP B 357 -12.12 -33.01 32.51
CA ASP B 357 -13.29 -33.80 32.88
C ASP B 357 -14.23 -34.01 31.70
N LEU B 358 -14.41 -32.99 30.85
CA LEU B 358 -15.28 -33.16 29.70
C LEU B 358 -14.75 -34.23 28.74
N PHE B 359 -13.44 -34.24 28.51
CA PHE B 359 -12.87 -35.21 27.58
C PHE B 359 -12.76 -36.60 28.18
N ALA B 360 -12.85 -36.71 29.50
CA ALA B 360 -12.82 -38.01 30.15
C ALA B 360 -14.22 -38.57 30.39
N GLY B 361 -15.26 -37.87 29.94
CA GLY B 361 -16.60 -38.36 30.13
C GLY B 361 -17.15 -38.19 31.52
N LYS B 362 -16.55 -37.33 32.34
CA LYS B 362 -17.02 -37.12 33.71
C LYS B 362 -18.16 -36.12 33.80
N LEU B 363 -18.58 -35.55 32.67
CA LEU B 363 -19.67 -34.58 32.61
C LEU B 363 -20.81 -35.12 31.76
N ALA B 364 -22.04 -34.88 32.20
CA ALA B 364 -23.20 -35.41 31.50
C ALA B 364 -23.51 -34.62 30.23
N ASP B 365 -23.24 -33.32 30.24
CA ASP B 365 -23.66 -32.42 29.18
C ASP B 365 -22.48 -31.53 28.82
N PRO B 366 -22.12 -31.43 27.53
CA PRO B 366 -21.05 -30.49 27.15
C PRO B 366 -21.29 -29.08 27.66
N ARG B 367 -22.55 -28.65 27.75
CA ARG B 367 -22.86 -27.35 28.33
C ARG B 367 -22.31 -27.21 29.75
N ASP B 368 -22.05 -28.32 30.43
CA ASP B 368 -21.55 -28.26 31.80
C ASP B 368 -20.22 -27.53 31.92
N VAL B 369 -19.43 -27.44 30.84
CA VAL B 369 -18.19 -26.67 30.89
C VAL B 369 -18.42 -25.18 30.73
N ILE B 370 -19.65 -24.75 30.44
CA ILE B 370 -19.99 -23.33 30.45
C ILE B 370 -20.25 -22.91 31.88
N VAL B 371 -19.57 -21.86 32.34
CA VAL B 371 -19.75 -21.36 33.70
C VAL B 371 -20.16 -19.91 33.73
N GLY B 372 -20.35 -19.29 32.57
CA GLY B 372 -20.88 -17.95 32.50
C GLY B 372 -21.40 -17.69 31.09
N GLU B 373 -22.48 -16.92 31.02
CA GLU B 373 -23.05 -16.54 29.74
C GLU B 373 -23.67 -15.16 29.91
N PRO B 374 -22.87 -14.14 30.23
CA PRO B 374 -23.43 -12.82 30.53
C PRO B 374 -24.12 -12.23 29.32
N GLU B 375 -25.25 -11.56 29.58
CA GLU B 375 -25.91 -10.75 28.56
C GLU B 375 -25.25 -9.38 28.55
N LEU B 376 -24.77 -8.96 27.39
CA LEU B 376 -23.93 -7.77 27.29
C LEU B 376 -24.50 -6.68 26.40
N GLY B 377 -25.14 -7.03 25.31
CA GLY B 377 -25.64 -6.05 24.37
C GLY B 377 -25.78 -6.67 22.99
N LEU B 378 -26.15 -5.83 22.04
CA LEU B 378 -26.48 -6.31 20.70
C LEU B 378 -25.24 -6.43 19.83
N GLY B 379 -24.99 -7.66 19.35
CA GLY B 379 -23.95 -7.94 18.41
C GLY B 379 -22.53 -8.10 18.97
N PRO B 380 -22.38 -8.86 20.06
CA PRO B 380 -21.03 -9.12 20.58
C PRO B 380 -20.18 -9.89 19.57
N LEU B 381 -19.00 -9.36 19.28
CA LEU B 381 -18.12 -9.95 18.27
C LEU B 381 -16.78 -10.44 18.79
N HIS B 382 -16.19 -9.77 19.79
CA HIS B 382 -14.80 -10.01 20.14
C HIS B 382 -14.58 -9.55 21.58
N THR B 383 -13.65 -10.21 22.28
CA THR B 383 -13.36 -9.91 23.67
C THR B 383 -11.85 -9.84 23.90
N THR B 384 -11.43 -8.92 24.76
CA THR B 384 -10.03 -8.79 25.14
C THR B 384 -9.98 -8.52 26.64
N PHE B 385 -8.77 -8.36 27.19
CA PHE B 385 -8.59 -8.45 28.64
C PHE B 385 -7.57 -7.44 29.12
N ASP B 386 -7.83 -6.86 30.29
CA ASP B 386 -6.92 -5.88 30.87
C ASP B 386 -5.95 -6.49 31.87
N GLY B 387 -6.06 -7.79 32.13
CA GLY B 387 -5.20 -8.43 33.13
C GLY B 387 -5.56 -8.10 34.56
N ARG B 388 -6.63 -7.33 34.79
CA ARG B 388 -7.10 -7.03 36.14
C ARG B 388 -8.39 -7.76 36.48
N GLY B 389 -8.81 -8.69 35.63
CA GLY B 389 -10.04 -9.42 35.86
C GLY B 389 -11.24 -8.89 35.10
N ASN B 390 -11.04 -7.92 34.23
CA ASN B 390 -12.10 -7.38 33.39
C ASN B 390 -11.95 -7.87 31.97
N ALA B 391 -13.09 -8.04 31.31
CA ALA B 391 -13.12 -8.35 29.88
C ALA B 391 -13.76 -7.20 29.13
N TYR B 392 -13.35 -7.01 27.89
CA TYR B 392 -13.84 -5.93 27.04
C TYR B 392 -14.34 -6.55 25.74
N THR B 393 -15.59 -6.24 25.38
CA THR B 393 -16.26 -6.89 24.27
C THR B 393 -16.85 -5.83 23.34
N THR B 394 -16.64 -6.02 22.04
CA THR B 394 -17.26 -5.16 21.06
C THR B 394 -18.72 -5.55 20.89
N LEU B 395 -19.58 -4.55 20.73
CA LEU B 395 -20.98 -4.74 20.39
C LEU B 395 -21.18 -4.09 19.03
N PHE B 396 -21.23 -4.91 17.97
CA PHE B 396 -21.30 -4.37 16.62
C PHE B 396 -22.57 -3.55 16.41
N ILE B 397 -23.71 -4.07 16.87
CA ILE B 397 -24.99 -3.41 16.60
C ILE B 397 -25.14 -2.17 17.47
N ASP B 398 -24.99 -2.32 18.78
CA ASP B 398 -25.07 -1.17 19.68
C ASP B 398 -23.91 -0.20 19.51
N SER B 399 -22.88 -0.58 18.76
CA SER B 399 -21.74 0.30 18.47
C SER B 399 -21.06 0.77 19.75
N GLN B 400 -20.66 -0.20 20.57
CA GLN B 400 -20.04 0.10 21.85
C GLN B 400 -18.95 -0.92 22.18
N VAL B 401 -18.08 -0.54 23.10
CA VAL B 401 -17.25 -1.47 23.86
C VAL B 401 -17.83 -1.56 25.26
N VAL B 402 -18.04 -2.78 25.74
CA VAL B 402 -18.57 -3.02 27.07
C VAL B 402 -17.49 -3.65 27.95
N LYS B 403 -17.22 -3.03 29.09
CA LYS B 403 -16.26 -3.50 30.07
C LYS B 403 -17.01 -4.30 31.13
N TRP B 404 -16.57 -5.54 31.39
CA TRP B 404 -17.27 -6.37 32.36
C TRP B 404 -16.28 -7.24 33.12
N ASN B 405 -16.71 -7.67 34.31
CA ASN B 405 -15.89 -8.43 35.25
C ASN B 405 -16.22 -9.91 35.12
N MET B 406 -15.22 -10.72 34.75
CA MET B 406 -15.47 -12.10 34.40
C MET B 406 -15.93 -12.91 35.61
N GLU B 407 -15.30 -12.71 36.77
CA GLU B 407 -15.70 -13.49 37.94
C GLU B 407 -17.11 -13.16 38.39
N GLU B 408 -17.54 -11.91 38.22
CA GLU B 408 -18.91 -11.56 38.60
C GLU B 408 -19.92 -12.10 37.59
N ALA B 409 -19.57 -12.16 36.31
CA ALA B 409 -20.43 -12.83 35.35
C ALA B 409 -20.61 -14.30 35.74
N VAL B 410 -19.54 -14.95 36.21
CA VAL B 410 -19.62 -16.36 36.59
C VAL B 410 -20.55 -16.55 37.77
N ARG B 411 -20.52 -15.61 38.71
CA ARG B 411 -21.39 -15.71 39.87
C ARG B 411 -22.83 -15.37 39.51
N ALA B 412 -23.05 -14.44 38.57
CA ALA B 412 -24.41 -14.18 38.11
C ALA B 412 -24.98 -15.38 37.37
N TYR B 413 -24.11 -16.20 36.77
CA TYR B 413 -24.59 -17.40 36.10
C TYR B 413 -25.13 -18.40 37.12
N LYS B 414 -24.52 -18.47 38.29
CA LYS B 414 -24.94 -19.36 39.37
C LYS B 414 -26.19 -18.86 40.09
N GLY B 415 -26.78 -17.74 39.66
CA GLY B 415 -27.99 -17.20 40.24
C GLY B 415 -27.76 -15.94 41.07
N GLU B 416 -26.59 -15.81 41.69
CA GLU B 416 -26.27 -14.65 42.50
C GLU B 416 -26.44 -13.35 41.72
N LYS B 417 -27.44 -12.55 42.09
CA LYS B 417 -27.71 -11.28 41.41
C LYS B 417 -26.56 -10.30 41.67
N VAL B 418 -25.78 -10.04 40.64
CA VAL B 418 -24.72 -9.04 40.68
C VAL B 418 -24.65 -8.41 39.28
N ASN B 419 -24.21 -7.16 39.22
CA ASN B 419 -24.09 -6.45 37.95
C ASN B 419 -22.63 -6.47 37.50
N TYR B 420 -22.31 -7.40 36.61
CA TYR B 420 -20.95 -7.56 36.12
C TYR B 420 -20.56 -6.52 35.07
N ILE B 421 -21.51 -5.77 34.53
CA ILE B 421 -21.21 -4.75 33.53
C ILE B 421 -20.72 -3.50 34.23
N LYS B 422 -19.55 -3.02 33.84
CA LYS B 422 -18.92 -1.87 34.50
C LYS B 422 -19.07 -0.57 33.72
N GLN B 423 -19.15 -0.64 32.40
CA GLN B 423 -19.20 0.58 31.58
C GLN B 423 -19.45 0.17 30.14
N LYS B 424 -20.13 1.06 29.41
CA LYS B 424 -20.29 0.95 27.96
C LYS B 424 -19.84 2.25 27.32
N LEU B 425 -18.80 2.17 26.48
CA LEU B 425 -18.25 3.33 25.79
C LEU B 425 -18.69 3.32 24.33
N ASP B 426 -19.28 4.42 23.87
CA ASP B 426 -19.71 4.50 22.48
C ASP B 426 -18.51 4.59 21.56
N VAL B 427 -18.55 3.84 20.46
CA VAL B 427 -17.50 3.89 19.45
C VAL B 427 -18.15 4.16 18.09
N HIS B 428 -17.33 4.52 17.11
CA HIS B 428 -17.84 5.18 15.90
C HIS B 428 -17.16 4.61 14.66
N TYR B 429 -17.81 3.64 14.00
CA TYR B 429 -19.08 3.04 14.38
C TYR B 429 -19.04 1.59 13.95
N GLN B 430 -19.75 0.73 14.67
CA GLN B 430 -19.88 -0.70 14.35
C GLN B 430 -18.54 -1.41 14.55
N PRO B 431 -18.10 -1.60 15.78
CA PRO B 431 -16.79 -2.24 16.01
C PRO B 431 -16.81 -3.72 15.68
N GLY B 432 -15.70 -4.17 15.10
CA GLY B 432 -15.45 -5.57 14.82
C GLY B 432 -14.62 -6.19 15.93
N HIS B 433 -13.29 -6.15 15.80
CA HIS B 433 -12.44 -6.69 16.87
C HIS B 433 -11.89 -5.59 17.76
N LEU B 434 -11.30 -6.01 18.88
CA LEU B 434 -10.65 -5.08 19.78
C LEU B 434 -9.51 -5.82 20.47
N HIS B 435 -8.47 -5.09 20.87
CA HIS B 435 -7.24 -5.69 21.36
C HIS B 435 -6.66 -4.82 22.45
N ALA B 436 -6.43 -5.39 23.63
CA ALA B 436 -5.73 -4.71 24.71
C ALA B 436 -4.26 -5.13 24.70
N SER B 437 -3.39 -4.22 25.14
CA SER B 437 -1.96 -4.44 24.99
C SER B 437 -1.50 -5.67 25.79
N LEU B 438 -0.78 -6.55 25.11
CA LEU B 438 -0.28 -7.81 25.66
C LEU B 438 -1.42 -8.76 26.05
N CYS B 439 -2.61 -8.54 25.50
CA CYS B 439 -3.81 -9.27 25.92
C CYS B 439 -3.71 -10.77 25.63
N GLU B 440 -2.97 -11.17 24.60
CA GLU B 440 -2.82 -12.58 24.25
C GLU B 440 -1.74 -13.29 25.07
N THR B 441 -1.22 -12.65 26.10
CA THR B 441 -0.18 -13.23 26.92
C THR B 441 -0.55 -13.04 28.39
N ASN B 442 0.14 -13.80 29.25
CA ASN B 442 -0.05 -13.68 30.69
C ASN B 442 0.59 -12.44 31.26
N GLU B 443 1.10 -11.53 30.42
CA GLU B 443 1.60 -10.22 30.81
C GLU B 443 0.64 -9.08 30.45
N ALA B 444 -0.60 -9.39 30.06
CA ALA B 444 -1.60 -8.38 29.74
C ALA B 444 -1.49 -7.21 30.71
N ASP B 445 -1.13 -6.02 30.21
CA ASP B 445 -0.73 -4.95 31.12
C ASP B 445 -1.82 -3.90 31.33
N GLY B 446 -2.96 -4.04 30.67
CA GLY B 446 -4.10 -3.19 30.96
C GLY B 446 -3.92 -1.72 30.68
N LYS B 447 -3.05 -1.35 29.73
CA LYS B 447 -2.79 0.05 29.43
C LYS B 447 -3.58 0.59 28.23
N TRP B 448 -3.47 -0.05 27.06
CA TRP B 448 -4.12 0.46 25.86
C TRP B 448 -5.11 -0.55 25.30
N LEU B 449 -6.17 -0.02 24.67
CA LEU B 449 -7.18 -0.79 23.96
C LEU B 449 -7.43 -0.15 22.60
N VAL B 450 -7.37 -0.96 21.54
CA VAL B 450 -7.76 -0.51 20.20
C VAL B 450 -9.02 -1.25 19.80
N ALA B 451 -10.07 -0.49 19.49
CA ALA B 451 -11.30 -1.02 18.91
C ALA B 451 -11.36 -0.64 17.43
N LEU B 452 -11.61 -1.61 16.57
CA LEU B 452 -11.50 -1.44 15.13
C LEU B 452 -12.90 -1.38 14.52
N SER B 453 -13.36 -0.16 14.22
CA SER B 453 -14.73 0.08 13.78
C SER B 453 -14.85 0.14 12.26
N LYS B 454 -15.96 -0.37 11.74
CA LYS B 454 -16.11 -0.64 10.32
C LYS B 454 -16.78 0.47 9.53
N PHE B 455 -17.48 1.40 10.18
CA PHE B 455 -18.09 2.54 9.50
C PHE B 455 -17.59 3.82 10.16
N SER B 456 -16.70 4.56 9.49
CA SER B 456 -16.18 5.79 10.04
C SER B 456 -17.08 6.99 9.77
N LYS B 457 -17.96 6.89 8.78
CA LYS B 457 -18.97 7.92 8.52
C LYS B 457 -18.34 9.30 8.52
N ASP B 458 -18.70 10.13 9.50
CA ASP B 458 -18.30 11.54 9.51
C ASP B 458 -17.15 11.82 10.47
N ARG B 459 -16.41 10.80 10.89
CA ARG B 459 -15.32 11.02 11.84
C ARG B 459 -14.06 11.57 11.19
N PHE B 460 -13.97 11.54 9.86
CA PHE B 460 -12.83 12.10 9.13
C PHE B 460 -13.32 12.88 7.92
N LEU B 461 -12.43 13.68 7.33
CA LEU B 461 -12.79 14.42 6.13
C LEU B 461 -13.34 13.48 5.05
N PRO B 462 -14.29 13.95 4.26
CA PRO B 462 -14.82 13.11 3.17
C PRO B 462 -13.75 12.79 2.14
N VAL B 463 -13.73 11.55 1.66
CA VAL B 463 -12.75 11.16 0.66
C VAL B 463 -13.38 10.34 -0.46
N GLY B 464 -14.66 10.58 -0.76
CA GLY B 464 -15.34 9.87 -1.81
C GLY B 464 -16.11 8.70 -1.28
N PRO B 465 -16.68 7.88 -2.17
CA PRO B 465 -17.62 6.84 -1.73
C PRO B 465 -17.00 5.78 -0.84
N LEU B 466 -15.71 5.49 -1.01
CA LEU B 466 -15.02 4.54 -0.17
C LEU B 466 -14.49 5.28 1.04
N HIS B 467 -14.81 4.78 2.25
CA HIS B 467 -14.45 5.39 3.53
C HIS B 467 -13.30 4.63 4.21
N PRO B 468 -12.51 5.30 5.05
CA PRO B 468 -11.55 4.58 5.89
C PRO B 468 -12.25 3.87 7.03
N GLU B 469 -11.55 2.89 7.61
CA GLU B 469 -11.98 2.33 8.87
C GLU B 469 -11.56 3.26 10.00
N ASN B 470 -12.14 3.07 11.17
CA ASN B 470 -11.83 3.89 12.33
C ASN B 470 -11.33 3.00 13.46
N ASP B 471 -10.02 2.95 13.62
CA ASP B 471 -9.39 2.24 14.73
C ASP B 471 -9.18 3.23 15.85
N GLN B 472 -9.91 3.05 16.94
CA GLN B 472 -9.93 4.03 18.02
C GLN B 472 -9.13 3.55 19.21
N LEU B 473 -8.17 4.37 19.63
CA LEU B 473 -7.32 4.08 20.78
C LEU B 473 -8.02 4.55 22.05
N ILE B 474 -8.10 3.65 23.03
CA ILE B 474 -8.84 3.86 24.26
C ILE B 474 -7.91 3.59 25.44
N ASP B 475 -7.87 4.51 26.40
CA ASP B 475 -7.05 4.35 27.59
C ASP B 475 -7.83 3.53 28.62
N ILE B 476 -7.30 2.36 28.97
CA ILE B 476 -7.95 1.48 29.95
C ILE B 476 -7.11 1.34 31.21
N SER B 477 -6.13 2.23 31.42
CA SER B 477 -5.26 2.10 32.61
C SER B 477 -6.04 2.31 33.89
N GLY B 478 -7.15 3.05 33.84
CA GLY B 478 -7.97 3.30 35.00
C GLY B 478 -9.31 2.60 34.93
N ASP B 479 -10.17 2.95 35.89
CA ASP B 479 -11.47 2.30 35.99
C ASP B 479 -12.41 2.69 34.87
N GLU B 480 -12.23 3.88 34.29
CA GLU B 480 -13.10 4.38 33.24
C GLU B 480 -12.36 4.36 31.90
N MET B 481 -13.00 3.81 30.88
CA MET B 481 -12.42 3.81 29.54
C MET B 481 -12.46 5.22 28.95
N LYS B 482 -11.35 5.68 28.39
CA LYS B 482 -11.25 7.02 27.82
C LYS B 482 -10.85 6.95 26.34
N LEU B 483 -11.72 7.45 25.47
CA LEU B 483 -11.42 7.53 24.04
C LEU B 483 -10.41 8.64 23.80
N VAL B 484 -9.26 8.33 23.20
CA VAL B 484 -8.23 9.35 23.07
C VAL B 484 -7.89 9.68 21.62
N HIS B 485 -8.08 8.75 20.69
CA HIS B 485 -7.61 8.98 19.32
C HIS B 485 -8.42 8.17 18.32
N ASP B 486 -8.75 8.80 17.20
CA ASP B 486 -9.40 8.16 16.05
C ASP B 486 -8.34 7.97 14.97
N GLY B 487 -7.99 6.71 14.69
CA GLY B 487 -7.02 6.42 13.66
C GLY B 487 -7.65 5.84 12.41
N PRO B 488 -7.68 6.63 11.32
CA PRO B 488 -8.24 6.12 10.06
C PRO B 488 -7.29 5.11 9.46
N THR B 489 -7.82 4.03 8.88
CA THR B 489 -6.95 3.02 8.29
C THR B 489 -7.59 2.49 7.01
N PHE B 490 -6.74 2.11 6.06
CA PHE B 490 -7.21 1.65 4.76
C PHE B 490 -7.57 0.17 4.81
N ALA B 491 -8.57 -0.23 4.01
CA ALA B 491 -8.78 -1.64 3.68
C ALA B 491 -9.08 -2.51 4.87
N GLU B 492 -9.55 -1.95 5.97
CA GLU B 492 -10.16 -2.83 6.94
C GLU B 492 -9.19 -3.83 7.58
N PRO B 493 -8.30 -3.36 8.42
CA PRO B 493 -7.63 -4.27 9.35
C PRO B 493 -8.70 -5.04 10.12
N HIS B 494 -8.49 -6.33 10.34
CA HIS B 494 -9.43 -7.02 11.23
C HIS B 494 -8.96 -6.93 12.67
N ASP B 495 -7.81 -7.55 12.96
CA ASP B 495 -7.17 -7.46 14.26
C ASP B 495 -5.88 -6.67 14.18
N CYS B 496 -5.41 -6.28 15.36
CA CYS B 496 -4.05 -5.82 15.54
C CYS B 496 -3.50 -6.48 16.79
N ILE B 497 -2.20 -6.30 17.01
CA ILE B 497 -1.52 -6.78 18.21
C ILE B 497 -0.52 -5.73 18.62
N MET B 498 -0.35 -5.56 19.92
CA MET B 498 0.61 -4.61 20.47
C MET B 498 1.63 -5.33 21.33
N ALA B 499 2.89 -4.95 21.18
CA ALA B 499 3.99 -5.51 21.96
C ALA B 499 4.81 -4.36 22.53
N ARG B 500 5.31 -4.55 23.76
CA ARG B 500 6.19 -3.55 24.33
C ARG B 500 7.38 -3.30 23.41
N ARG B 501 7.91 -2.08 23.47
CA ARG B 501 9.10 -1.76 22.67
C ARG B 501 10.23 -2.74 22.95
N ASP B 502 10.42 -3.13 24.21
CA ASP B 502 11.55 -4.01 24.54
C ASP B 502 11.26 -5.48 24.26
N GLN B 503 10.15 -5.80 23.61
CA GLN B 503 9.88 -7.17 23.20
C GLN B 503 10.27 -7.44 21.75
N ILE B 504 10.68 -6.42 21.01
CA ILE B 504 10.98 -6.52 19.59
C ILE B 504 12.42 -6.06 19.41
N LYS B 505 13.24 -6.91 18.81
CA LYS B 505 14.64 -6.58 18.51
C LYS B 505 14.85 -6.76 17.02
N THR B 506 15.26 -5.69 16.34
CA THR B 506 15.42 -5.73 14.89
C THR B 506 16.88 -5.47 14.53
N LYS B 507 17.25 -5.93 13.34
CA LYS B 507 18.57 -5.69 12.78
C LYS B 507 18.53 -4.43 11.91
N LYS B 508 19.66 -3.73 11.86
CA LYS B 508 19.77 -2.59 10.95
C LYS B 508 20.56 -2.92 9.69
N ILE B 509 21.30 -4.03 9.70
CA ILE B 509 22.15 -4.44 8.61
C ILE B 509 21.90 -5.93 8.40
N TRP B 510 21.77 -6.35 7.15
CA TRP B 510 21.55 -7.77 6.88
C TRP B 510 22.81 -8.59 7.17
N ASP B 511 22.60 -9.83 7.64
CA ASP B 511 23.66 -10.81 7.67
C ASP B 511 23.83 -11.44 6.29
N ARG B 512 25.08 -11.65 5.89
CA ARG B 512 25.34 -12.14 4.54
C ARG B 512 24.88 -13.59 4.35
N ASN B 513 24.64 -14.33 5.43
CA ASN B 513 24.17 -15.71 5.33
C ASN B 513 22.68 -15.83 5.61
N ASP B 514 21.94 -14.72 5.57
CA ASP B 514 20.51 -14.78 5.87
C ASP B 514 19.80 -15.76 4.95
N PRO B 515 18.98 -16.68 5.48
CA PRO B 515 18.25 -17.60 4.60
C PRO B 515 17.35 -16.89 3.60
N PHE B 516 17.00 -15.62 3.82
CA PHE B 516 16.06 -14.94 2.92
C PHE B 516 16.57 -14.99 1.49
N PHE B 517 17.89 -14.84 1.28
CA PHE B 517 18.47 -14.85 -0.06
C PHE B 517 19.54 -15.93 -0.24
N ALA B 518 19.56 -16.94 0.62
CA ALA B 518 20.53 -18.00 0.45
C ALA B 518 20.38 -18.74 -0.88
N PRO B 519 19.18 -18.98 -1.41
CA PRO B 519 19.08 -19.61 -2.74
C PRO B 519 19.78 -18.81 -3.82
N THR B 520 19.76 -17.48 -3.68
CA THR B 520 20.46 -16.62 -4.62
C THR B 520 21.97 -16.76 -4.46
N VAL B 521 22.45 -16.90 -3.22
CA VAL B 521 23.87 -17.11 -3.00
C VAL B 521 24.32 -18.43 -3.63
N GLU B 522 23.49 -19.47 -3.52
CA GLU B 522 23.85 -20.74 -4.12
C GLU B 522 23.88 -20.62 -5.64
N MET B 523 22.89 -19.92 -6.22
CA MET B 523 22.92 -19.59 -7.64
C MET B 523 24.23 -18.91 -8.01
N ALA B 524 24.61 -17.88 -7.25
CA ALA B 524 25.85 -17.17 -7.54
C ALA B 524 27.05 -18.12 -7.48
N LYS B 525 27.07 -19.00 -6.47
CA LYS B 525 28.18 -19.93 -6.31
C LYS B 525 28.34 -20.82 -7.54
N LYS B 526 27.21 -21.29 -8.08
CA LYS B 526 27.28 -22.14 -9.27
C LYS B 526 27.90 -21.39 -10.45
N ASP B 527 27.79 -20.05 -10.47
CA ASP B 527 28.46 -19.23 -11.47
C ASP B 527 29.87 -18.80 -11.03
N GLY B 528 30.36 -19.32 -9.90
CA GLY B 528 31.67 -18.92 -9.44
C GLY B 528 31.76 -17.47 -9.01
N ILE B 529 30.65 -16.92 -8.50
CA ILE B 529 30.55 -15.51 -8.14
C ILE B 529 30.77 -15.34 -6.65
N ASN B 530 31.52 -14.32 -6.27
CA ASN B 530 31.57 -13.87 -4.87
C ASN B 530 30.75 -12.59 -4.77
N LEU B 531 29.55 -12.71 -4.20
CA LEU B 531 28.60 -11.60 -4.26
C LEU B 531 29.13 -10.35 -3.58
N ASP B 532 29.99 -10.49 -2.58
CA ASP B 532 30.50 -9.35 -1.83
C ASP B 532 31.39 -8.44 -2.67
N THR B 533 31.89 -8.92 -3.80
CA THR B 533 32.90 -8.17 -4.54
C THR B 533 32.67 -8.11 -6.05
N ASP B 534 31.96 -9.05 -6.65
CA ASP B 534 32.02 -9.22 -8.09
C ASP B 534 31.10 -8.25 -8.83
N ASN B 535 31.59 -7.77 -9.96
CA ASN B 535 30.81 -6.99 -10.91
C ASN B 535 31.01 -7.66 -12.27
N LYS B 536 30.13 -8.61 -12.60
CA LYS B 536 30.33 -9.51 -13.72
C LYS B 536 29.02 -9.78 -14.44
N VAL B 537 29.11 -10.03 -15.74
CA VAL B 537 27.96 -10.43 -16.55
C VAL B 537 28.21 -11.88 -16.99
N ILE B 538 27.38 -12.79 -16.52
CA ILE B 538 27.50 -14.20 -16.86
C ILE B 538 26.52 -14.52 -17.97
N ARG B 539 26.98 -15.20 -19.01
CA ARG B 539 26.12 -15.54 -20.14
C ARG B 539 25.93 -17.04 -20.24
N ASP B 540 24.70 -17.46 -20.54
CA ASP B 540 24.31 -18.85 -20.46
C ASP B 540 23.15 -19.03 -21.46
N GLY B 541 23.51 -19.19 -22.73
CA GLY B 541 22.47 -19.36 -23.75
C GLY B 541 21.68 -18.08 -23.92
N ASN B 542 20.36 -18.18 -23.81
CA ASN B 542 19.48 -17.02 -23.84
C ASN B 542 19.23 -16.45 -22.45
N LYS B 543 19.99 -16.88 -21.45
CA LYS B 543 19.93 -16.33 -20.10
C LYS B 543 21.18 -15.50 -19.84
N VAL B 544 21.00 -14.32 -19.28
CA VAL B 544 22.10 -13.46 -18.87
C VAL B 544 21.91 -13.19 -17.39
N ARG B 545 22.96 -13.45 -16.62
CA ARG B 545 22.92 -13.26 -15.17
C ARG B 545 23.92 -12.17 -14.84
N VAL B 546 23.43 -11.00 -14.47
CA VAL B 546 24.26 -9.87 -14.11
C VAL B 546 24.43 -9.87 -12.59
N TYR B 547 25.68 -9.81 -12.13
CA TYR B 547 25.98 -9.71 -10.71
C TYR B 547 26.71 -8.40 -10.47
N MET B 548 26.25 -7.62 -9.50
CA MET B 548 26.94 -6.37 -9.24
C MET B 548 26.82 -6.02 -7.77
N THR B 549 27.81 -5.28 -7.28
CA THR B 549 27.68 -4.62 -5.99
C THR B 549 27.14 -3.21 -6.20
N SER B 550 26.64 -2.62 -5.13
CA SER B 550 26.22 -1.22 -5.19
C SER B 550 26.70 -0.51 -3.95
N MET B 551 27.22 0.70 -4.15
CA MET B 551 27.72 1.55 -3.07
C MET B 551 27.44 2.99 -3.48
N ALA B 552 26.65 3.68 -2.69
CA ALA B 552 26.16 4.99 -3.10
C ALA B 552 27.33 5.87 -3.54
N PRO B 553 27.21 6.61 -4.66
CA PRO B 553 26.04 6.65 -5.56
C PRO B 553 26.28 5.93 -6.89
N ALA B 554 26.72 4.68 -6.85
CA ALA B 554 27.16 3.99 -8.06
C ALA B 554 26.73 2.53 -8.08
N PHE B 555 26.09 2.11 -9.17
CA PHE B 555 25.95 0.69 -9.46
C PHE B 555 27.30 0.14 -9.86
N GLY B 556 27.62 -1.08 -9.38
CA GLY B 556 28.90 -1.68 -9.71
C GLY B 556 29.00 -2.08 -11.17
N VAL B 557 27.89 -2.44 -11.78
CA VAL B 557 27.80 -2.64 -13.22
C VAL B 557 26.90 -1.54 -13.75
N GLN B 558 27.45 -0.63 -14.53
CA GLN B 558 26.72 0.54 -15.00
C GLN B 558 26.26 0.42 -16.43
N GLU B 559 26.71 -0.60 -17.17
CA GLU B 559 26.10 -0.90 -18.45
C GLU B 559 26.37 -2.35 -18.81
N PHE B 560 25.42 -2.94 -19.53
CA PHE B 560 25.62 -4.28 -20.06
C PHE B 560 24.76 -4.46 -21.28
N THR B 561 25.18 -5.40 -22.14
CA THR B 561 24.56 -5.59 -23.45
C THR B 561 24.03 -7.01 -23.57
N VAL B 562 22.80 -7.14 -24.08
CA VAL B 562 22.16 -8.43 -24.25
C VAL B 562 21.55 -8.52 -25.66
N LYS B 563 21.04 -9.71 -26.02
CA LYS B 563 20.27 -9.89 -27.24
C LYS B 563 18.79 -9.73 -26.97
N GLN B 564 18.06 -9.15 -27.92
CA GLN B 564 16.60 -9.12 -27.80
C GLN B 564 16.07 -10.51 -27.53
N GLY B 565 15.19 -10.61 -26.54
CA GLY B 565 14.63 -11.89 -26.14
C GLY B 565 15.34 -12.57 -24.99
N ASP B 566 16.55 -12.12 -24.62
CA ASP B 566 17.27 -12.75 -23.52
C ASP B 566 16.48 -12.63 -22.22
N GLU B 567 16.54 -13.68 -21.40
CA GLU B 567 16.00 -13.61 -20.05
C GLU B 567 17.11 -13.14 -19.12
N VAL B 568 16.93 -11.95 -18.55
CA VAL B 568 17.95 -11.26 -17.80
C VAL B 568 17.62 -11.34 -16.32
N THR B 569 18.58 -11.83 -15.53
CA THR B 569 18.52 -11.76 -14.08
C THR B 569 19.55 -10.76 -13.59
N VAL B 570 19.10 -9.78 -12.81
CA VAL B 570 20.04 -8.83 -12.21
C VAL B 570 20.08 -9.09 -10.72
N THR B 571 21.26 -9.42 -10.22
CA THR B 571 21.50 -9.66 -8.81
C THR B 571 22.37 -8.53 -8.25
N ILE B 572 21.92 -7.87 -7.19
CA ILE B 572 22.62 -6.71 -6.66
C ILE B 572 22.86 -6.94 -5.18
N THR B 573 24.09 -6.71 -4.75
CA THR B 573 24.44 -6.78 -3.33
C THR B 573 24.80 -5.38 -2.87
N ASN B 574 24.09 -4.90 -1.85
CA ASN B 574 24.31 -3.57 -1.31
C ASN B 574 25.45 -3.68 -0.31
N ILE B 575 26.62 -3.16 -0.68
CA ILE B 575 27.81 -3.30 0.16
C ILE B 575 28.09 -2.04 0.98
N ASP B 576 27.18 -1.07 0.97
CA ASP B 576 27.23 -0.04 1.99
C ASP B 576 27.00 -0.65 3.36
N GLN B 577 27.74 -0.15 4.36
CA GLN B 577 27.57 -0.59 5.74
C GLN B 577 26.83 0.41 6.62
N ILE B 578 26.69 1.66 6.18
CA ILE B 578 25.94 2.65 6.94
C ILE B 578 24.46 2.25 6.98
N GLU B 579 23.90 2.18 8.18
CA GLU B 579 22.46 1.98 8.33
C GLU B 579 21.69 2.97 7.49
N ASP B 580 20.50 2.55 7.04
CA ASP B 580 19.53 3.41 6.37
C ASP B 580 19.96 3.77 4.96
N VAL B 581 21.09 3.26 4.46
CA VAL B 581 21.47 3.56 3.08
C VAL B 581 20.99 2.43 2.17
N SER B 582 19.71 2.46 1.83
CA SER B 582 19.13 1.52 0.88
C SER B 582 19.29 2.03 -0.55
N HIS B 583 19.39 1.09 -1.48
CA HIS B 583 19.33 1.36 -2.90
C HIS B 583 18.09 0.73 -3.47
N GLY B 584 17.71 1.19 -4.66
CA GLY B 584 16.66 0.58 -5.44
C GLY B 584 17.19 0.24 -6.82
N PHE B 585 16.37 -0.47 -7.58
CA PHE B 585 16.73 -0.84 -8.94
C PHE B 585 15.45 -0.92 -9.77
N VAL B 586 15.35 -0.04 -10.76
CA VAL B 586 14.20 0.04 -11.66
C VAL B 586 14.72 0.02 -13.07
N VAL B 587 14.17 -0.86 -13.92
CA VAL B 587 14.42 -0.83 -15.35
C VAL B 587 13.24 -0.14 -16.01
N VAL B 588 13.50 0.99 -16.67
CA VAL B 588 12.43 1.80 -17.24
C VAL B 588 11.64 1.01 -18.27
N ASN B 589 10.32 1.06 -18.16
CA ASN B 589 9.38 0.51 -19.15
C ASN B 589 9.47 -1.02 -19.28
N HIS B 590 9.96 -1.70 -18.23
CA HIS B 590 10.00 -3.16 -18.20
C HIS B 590 9.27 -3.75 -17.00
N GLY B 591 8.67 -2.91 -16.16
CA GLY B 591 7.92 -3.43 -15.03
C GLY B 591 8.80 -4.04 -13.94
N VAL B 592 9.99 -3.49 -13.72
CA VAL B 592 11.03 -4.06 -12.86
C VAL B 592 11.37 -3.06 -11.76
N SER B 593 11.30 -3.50 -10.50
CA SER B 593 11.52 -2.63 -9.35
C SER B 593 11.84 -3.51 -8.12
N MET B 594 12.89 -3.16 -7.38
CA MET B 594 13.16 -3.84 -6.12
C MET B 594 14.03 -2.96 -5.22
N GLU B 595 14.03 -3.29 -3.93
CA GLU B 595 14.87 -2.66 -2.93
C GLU B 595 16.06 -3.57 -2.59
N ILE B 596 17.20 -2.95 -2.28
CA ILE B 596 18.37 -3.63 -1.73
C ILE B 596 18.86 -2.82 -0.53
N SER B 597 18.62 -3.34 0.67
CA SER B 597 19.07 -2.67 1.90
C SER B 597 20.52 -3.04 2.22
N PRO B 598 21.16 -2.30 3.15
CA PRO B 598 22.58 -2.57 3.46
C PRO B 598 22.90 -4.05 3.72
N GLN B 599 23.86 -4.58 2.95
CA GLN B 599 24.36 -5.96 3.03
C GLN B 599 23.36 -7.00 2.55
N GLN B 600 22.20 -6.59 2.05
CA GLN B 600 21.29 -7.54 1.42
C GLN B 600 21.74 -7.86 0.00
N THR B 601 21.42 -9.07 -0.45
CA THR B 601 21.44 -9.44 -1.87
C THR B 601 20.01 -9.63 -2.37
N SER B 602 19.67 -8.99 -3.49
CA SER B 602 18.34 -9.08 -4.10
CA SER B 602 18.34 -9.07 -4.10
C SER B 602 18.47 -9.36 -5.59
N SER B 603 17.50 -10.08 -6.15
CA SER B 603 17.58 -10.37 -7.58
C SER B 603 16.20 -10.37 -8.22
N ILE B 604 16.17 -10.10 -9.51
CA ILE B 604 14.92 -9.99 -10.24
C ILE B 604 15.18 -10.41 -11.68
N THR B 605 14.21 -11.07 -12.28
CA THR B 605 14.33 -11.64 -13.62
C THR B 605 13.25 -11.05 -14.52
N PHE B 606 13.64 -10.69 -15.75
CA PHE B 606 12.73 -10.10 -16.72
C PHE B 606 13.24 -10.40 -18.12
N VAL B 607 12.35 -10.27 -19.12
CA VAL B 607 12.74 -10.51 -20.51
C VAL B 607 13.08 -9.17 -21.17
N ALA B 608 14.24 -9.12 -21.83
CA ALA B 608 14.63 -7.93 -22.58
C ALA B 608 13.96 -8.01 -23.95
N ASP B 609 12.67 -7.70 -23.98
CA ASP B 609 11.86 -7.88 -25.18
C ASP B 609 11.86 -6.66 -26.10
N LYS B 610 12.60 -5.59 -25.77
CA LYS B 610 12.59 -4.37 -26.56
C LYS B 610 14.01 -4.03 -26.99
N PRO B 611 14.28 -3.87 -28.28
CA PRO B 611 15.61 -3.47 -28.72
C PRO B 611 15.92 -2.06 -28.27
N GLY B 612 17.20 -1.72 -28.29
CA GLY B 612 17.62 -0.37 -28.03
C GLY B 612 18.23 -0.20 -26.66
N LEU B 613 18.47 1.07 -26.32
CA LEU B 613 19.01 1.47 -25.02
C LEU B 613 17.89 1.62 -24.00
N HIS B 614 18.05 1.02 -22.82
CA HIS B 614 17.04 1.09 -21.78
C HIS B 614 17.71 1.40 -20.44
N TRP B 615 17.30 2.51 -19.84
CA TRP B 615 17.92 3.02 -18.62
C TRP B 615 17.41 2.27 -17.39
N TYR B 616 18.30 2.08 -16.42
CA TYR B 616 17.88 1.66 -15.09
C TYR B 616 18.40 2.66 -14.08
N TYR B 617 17.73 2.74 -12.94
CA TYR B 617 18.15 3.76 -12.00
C TYR B 617 17.86 3.28 -10.59
N CYS B 618 18.49 3.97 -9.64
CA CYS B 618 18.28 3.69 -8.22
C CYS B 618 17.05 4.47 -7.75
N SER B 619 16.09 3.75 -7.16
CA SER B 619 14.83 4.40 -6.77
C SER B 619 14.83 4.94 -5.35
N TRP B 620 15.74 4.49 -4.49
CA TRP B 620 15.77 4.86 -3.08
C TRP B 620 16.78 5.97 -2.85
N PHE B 621 16.30 7.15 -2.43
CA PHE B 621 17.20 8.29 -2.25
C PHE B 621 18.33 7.93 -1.30
N CYS B 622 19.55 7.84 -1.82
CA CYS B 622 20.63 7.20 -1.08
C CYS B 622 21.83 8.11 -0.83
N HIS B 623 21.86 9.30 -1.41
CA HIS B 623 23.11 10.04 -1.50
C HIS B 623 22.79 11.35 -2.21
N ALA B 624 23.65 12.36 -2.02
CA ALA B 624 23.39 13.63 -2.68
C ALA B 624 23.43 13.50 -4.19
N LEU B 625 24.16 12.51 -4.70
CA LEU B 625 24.22 12.21 -6.13
C LEU B 625 23.32 11.03 -6.51
N HIS B 626 22.26 10.78 -5.71
CA HIS B 626 21.30 9.70 -5.99
C HIS B 626 20.72 9.82 -7.41
N MET B 627 20.37 11.03 -7.83
CA MET B 627 19.69 11.18 -9.12
C MET B 627 20.58 10.71 -10.26
N GLU B 628 21.89 10.72 -10.04
CA GLU B 628 22.86 10.30 -11.03
C GLU B 628 23.31 8.85 -10.86
N MET B 629 22.68 8.07 -9.98
CA MET B 629 23.00 6.66 -9.81
C MET B 629 22.13 5.86 -10.78
N VAL B 630 22.64 5.68 -11.99
CA VAL B 630 21.90 5.10 -13.10
C VAL B 630 22.83 4.16 -13.86
N GLY B 631 22.22 3.41 -14.81
CA GLY B 631 22.92 2.48 -15.67
C GLY B 631 22.14 2.28 -16.96
N ARG B 632 22.73 1.52 -17.89
CA ARG B 632 22.15 1.36 -19.21
C ARG B 632 22.23 -0.08 -19.65
N MET B 633 21.09 -0.65 -20.05
CA MET B 633 21.04 -1.96 -20.69
C MET B 633 20.87 -1.74 -22.19
N MET B 634 21.78 -2.31 -22.99
CA MET B 634 21.69 -2.18 -24.42
C MET B 634 21.25 -3.50 -25.03
N VAL B 635 20.17 -3.46 -25.81
CA VAL B 635 19.52 -4.65 -26.33
C VAL B 635 19.73 -4.65 -27.84
N GLU B 636 20.54 -5.59 -28.32
CA GLU B 636 20.78 -5.70 -29.75
C GLU B 636 19.56 -6.31 -30.43
N PRO B 637 19.18 -5.81 -31.61
CA PRO B 637 17.89 -6.22 -32.20
C PRO B 637 17.90 -7.65 -32.69
N ALA B 638 16.72 -8.27 -32.62
CA ALA B 638 16.58 -9.68 -32.97
C ALA B 638 16.97 -9.96 -34.42
N TRP B 639 16.70 -9.02 -35.34
CA TRP B 639 17.03 -9.27 -36.73
C TRP B 639 18.53 -9.29 -36.99
N SER B 640 19.36 -8.86 -36.03
CA SER B 640 20.80 -8.98 -36.16
C SER B 640 21.35 -10.24 -35.49
N HIS B 641 20.49 -11.10 -34.95
CA HIS B 641 20.87 -12.34 -34.29
C HIS B 641 20.04 -13.50 -34.84
N PRO B 642 20.54 -14.74 -34.71
CA PRO B 642 19.83 -15.89 -35.29
C PRO B 642 18.35 -15.93 -34.91
N GLN B 643 17.53 -16.38 -35.86
CA GLN B 643 16.07 -16.37 -35.72
C GLN B 643 15.51 -17.70 -35.22
C1 B3P C . -7.99 -12.41 -11.92
C2 B3P C . -7.67 -11.18 -12.84
C3 B3P C . -6.71 -13.11 -11.40
N1 B3P C . -5.97 -13.80 -12.49
C4 B3P C . -4.57 -14.16 -12.11
C5 B3P C . -4.53 -14.81 -10.72
C6 B3P C . -4.04 -15.17 -13.12
C7 B3P C . -3.62 -12.96 -12.10
N2 B3P C . -6.98 -11.68 -14.05
C8 B3P C . -6.43 -10.59 -14.91
C9 B3P C . -7.57 -9.81 -15.58
C10 B3P C . -5.54 -11.27 -15.95
C11 B3P C . -5.58 -9.63 -14.09
O1 B3P C . -8.55 -10.69 -16.12
O2 B3P C . -5.07 -10.32 -16.89
O3 B3P C . -4.48 -10.30 -13.51
O4 B3P C . -5.11 -16.07 -10.79
O5 B3P C . -4.08 -14.57 -14.40
O6 B3P C . -4.16 -11.87 -11.37
NA NA D . -5.26 6.37 -21.69
NA NA E . 10.18 4.09 -29.58
CA CA F . 25.79 18.76 -15.29
C FMT G . -7.03 2.04 -23.21
O1 FMT G . -7.54 0.98 -22.79
O2 FMT G . -5.84 2.21 -23.54
C FMT H . 7.75 36.99 7.34
O1 FMT H . 7.38 36.11 8.12
O2 FMT H . 7.02 37.80 6.76
C FMT I . 9.99 21.92 -39.33
O1 FMT I . 9.35 20.87 -39.36
O2 FMT I . 9.54 23.00 -38.94
C FMT J . -7.63 -15.15 -14.74
O1 FMT J . -7.62 -16.16 -14.07
O2 FMT J . -7.43 -15.14 -15.97
H FMT J . -7.72 -14.17 -14.26
HO2 FMT J . -6.68 -14.63 -16.35
CL CL K . 10.65 21.45 -8.35
CU1 CUA L . -21.24 -7.24 1.62
CU2 CUA L . -19.72 -7.67 3.76
C1 B3P M . 9.56 -8.49 -14.13
C2 B3P M . 8.36 -7.81 -14.89
C3 B3P M . 9.12 -9.55 -13.09
N1 B3P M . 8.73 -10.74 -13.85
C4 B3P M . 8.09 -11.80 -13.03
C5 B3P M . 7.14 -11.21 -11.95
C6 B3P M . 7.28 -12.62 -14.02
C7 B3P M . 9.16 -12.63 -12.34
N2 B3P M . 7.56 -8.80 -15.68
C8 B3P M . 6.17 -8.35 -16.00
C9 B3P M . 5.18 -8.56 -14.85
C10 B3P M . 5.70 -9.20 -17.18
C11 B3P M . 6.08 -6.88 -16.39
O1 B3P M . 5.76 -8.28 -13.60
O2 B3P M . 5.80 -10.56 -16.84
O3 B3P M . 6.86 -6.66 -17.54
O4 B3P M . 5.97 -10.64 -12.49
O5 B3P M . 6.81 -13.80 -13.43
O6 B3P M . 10.19 -12.96 -13.26
CA CA N . -25.71 -21.34 12.54
K K O . -15.48 0.11 6.09
C FMT P . -19.27 -22.88 5.34
O1 FMT P . -19.78 -21.80 5.69
O2 FMT P . -19.41 -23.42 4.23
C FMT Q . 27.12 -10.17 7.75
O1 FMT Q . 27.72 -10.96 7.01
O2 FMT Q . 26.90 -10.37 8.95
C FMT R . 8.98 -20.12 19.03
O1 FMT R . 8.31 -19.58 19.90
O2 FMT R . 8.50 -20.43 17.94
H FMT R . 9.95 -20.58 19.28
HO2 FMT R . 7.54 -20.62 17.87
CU1 CUA S . 21.35 4.33 -4.75
CU2 CUA S . 19.67 6.44 -4.76
#